data_3EFE
#
_entry.id   3EFE
#
_cell.length_a   85.129
_cell.length_b   91.530
_cell.length_c   167.206
_cell.angle_alpha   90.00
_cell.angle_beta   90.00
_cell.angle_gamma   90.00
#
_symmetry.space_group_name_H-M   'P 21 21 21'
#
loop_
_entity.id
_entity.type
_entity.pdbx_description
1 polymer 'ThiJ/pfpI family protein'
2 non-polymer 'SULFATE ION'
3 water water
#
_entity_poly.entity_id   1
_entity_poly.type   'polypeptide(L)'
_entity_poly.pdbx_seq_one_letter_code
;QGMQTKKAFLYVFNTMSDWEYGYLIAELNSGRYFKKDLAPLKVITVGANKEMITTMGGLRIKPDISLDECTLESKDLLIL
PGGTTWSEEIHQPILERIGQALKIGTIVAAICGATDALANMGYLDTRKHTSNNLEYTKMVCPNYKGEKFYELGPAVSDAN
LVTASGIAPLEFAMEVLKKIDVFTLDALHSWYNLNKTHKPEYFFQLMNSINK
;
_entity_poly.pdbx_strand_id   A,B,C,D,E,F
#
loop_
_chem_comp.id
_chem_comp.type
_chem_comp.name
_chem_comp.formula
SO4 non-polymer 'SULFATE ION' 'O4 S -2'
#
# COMPACT_ATOMS: atom_id res chain seq x y z
N THR A 5 9.07 6.64 13.35
CA THR A 5 7.62 6.69 12.85
C THR A 5 6.86 7.81 13.57
N LYS A 6 6.21 8.66 12.83
CA LYS A 6 5.62 9.91 13.34
C LYS A 6 4.09 9.87 13.45
N LYS A 7 3.59 10.67 14.38
CA LYS A 7 2.18 10.62 14.79
C LYS A 7 1.54 12.00 14.65
N ALA A 8 0.21 12.02 14.75
CA ALA A 8 -0.62 13.22 14.65
C ALA A 8 -1.57 13.28 15.84
N PHE A 9 -1.63 14.44 16.50
CA PHE A 9 -2.51 14.58 17.63
C PHE A 9 -3.39 15.79 17.43
N LEU A 10 -4.65 15.64 17.86
CA LEU A 10 -5.63 16.71 17.88
C LEU A 10 -6.06 16.93 19.32
N TYR A 11 -5.87 18.15 19.81
CA TYR A 11 -6.42 18.59 21.12
C TYR A 11 -7.89 18.78 21.01
N VAL A 12 -8.64 18.03 21.80
CA VAL A 12 -10.10 18.05 21.78
C VAL A 12 -10.50 18.61 23.18
N PHE A 13 -11.50 19.51 23.16
CA PHE A 13 -11.97 20.16 24.34
C PHE A 13 -13.34 20.73 24.09
N ASN A 14 -14.06 21.09 25.14
CA ASN A 14 -15.44 21.62 24.92
C ASN A 14 -15.41 22.93 24.11
N THR A 15 -16.25 23.04 23.08
CA THR A 15 -16.34 24.30 22.33
C THR A 15 -15.50 24.26 21.08
N MET A 16 -14.79 23.19 20.85
CA MET A 16 -13.89 23.23 19.77
C MET A 16 -14.73 23.39 18.46
N SER A 17 -14.16 24.17 17.53
CA SER A 17 -14.81 24.68 16.33
C SER A 17 -14.62 23.71 15.19
N ASP A 18 -15.74 23.01 14.90
CA ASP A 18 -15.75 21.84 13.99
C ASP A 18 -15.16 22.05 12.59
N TRP A 19 -15.42 23.21 12.04
CA TRP A 19 -15.02 23.47 10.66
C TRP A 19 -13.50 23.74 10.48
N GLU A 20 -12.81 23.95 11.59
CA GLU A 20 -11.47 24.49 11.54
C GLU A 20 -10.41 23.40 11.29
N TYR A 21 -10.64 22.18 11.75
CA TYR A 21 -9.74 21.07 11.68
C TYR A 21 -10.21 19.97 10.75
N GLY A 22 -11.40 20.15 10.20
CA GLY A 22 -12.12 19.09 9.59
C GLY A 22 -11.50 18.61 8.31
N TYR A 23 -11.08 19.52 7.45
CA TYR A 23 -10.35 19.12 6.26
C TYR A 23 -9.04 18.42 6.60
N LEU A 24 -8.26 19.02 7.49
CA LEU A 24 -6.98 18.47 7.96
C LEU A 24 -7.07 17.05 8.50
N ILE A 25 -7.89 16.84 9.50
CA ILE A 25 -7.93 15.52 10.16
C ILE A 25 -8.39 14.41 9.20
N ALA A 26 -9.28 14.72 8.24
CA ALA A 26 -9.80 13.71 7.25
C ALA A 26 -8.76 13.30 6.25
N GLU A 27 -8.08 14.30 5.72
CA GLU A 27 -6.96 14.04 4.83
C GLU A 27 -5.86 13.19 5.45
N LEU A 28 -5.58 13.43 6.71
CA LEU A 28 -4.47 12.80 7.37
C LEU A 28 -4.87 11.40 7.80
N ASN A 29 -6.07 11.29 8.35
CA ASN A 29 -6.40 10.07 8.99
C ASN A 29 -6.75 8.99 7.98
N SER A 30 -7.26 9.42 6.82
CA SER A 30 -7.57 8.55 5.70
C SER A 30 -6.30 8.21 4.90
N GLY A 31 -5.38 9.18 4.75
CA GLY A 31 -4.22 8.98 3.91
C GLY A 31 -4.54 8.93 2.45
N ARG A 32 -5.72 9.39 2.07
CA ARG A 32 -6.22 9.05 0.72
C ARG A 32 -5.52 9.69 -0.46
N TYR A 33 -4.83 10.80 -0.29
CA TYR A 33 -4.13 11.48 -1.36
C TYR A 33 -2.64 11.55 -1.07
N PHE A 34 -2.20 10.75 -0.12
CA PHE A 34 -0.81 10.69 0.21
C PHE A 34 -0.05 10.04 -0.95
N LYS A 35 1.19 10.46 -1.12
CA LYS A 35 2.17 9.67 -1.88
C LYS A 35 1.99 8.21 -1.54
N LYS A 36 2.30 7.38 -2.52
CA LYS A 36 1.89 5.98 -2.46
C LYS A 36 2.72 5.16 -1.50
N ASP A 37 3.89 5.65 -1.12
CA ASP A 37 4.72 4.96 -0.07
C ASP A 37 4.35 5.27 1.41
N LEU A 38 3.36 6.13 1.63
CA LEU A 38 3.12 6.69 2.95
C LEU A 38 1.83 6.11 3.48
N ALA A 39 1.83 5.65 4.71
CA ALA A 39 0.64 5.09 5.26
C ALA A 39 -0.19 6.28 5.80
N PRO A 40 -1.48 6.08 6.04
CA PRO A 40 -2.24 7.14 6.71
C PRO A 40 -1.57 7.60 8.01
N LEU A 41 -1.76 8.85 8.35
CA LEU A 41 -1.16 9.45 9.54
C LEU A 41 -2.31 9.55 10.48
N LYS A 42 -2.46 8.55 11.34
CA LYS A 42 -3.62 8.49 12.19
C LYS A 42 -3.66 9.65 13.23
N VAL A 43 -4.85 10.25 13.32
CA VAL A 43 -5.10 11.39 14.19
C VAL A 43 -5.56 10.95 15.59
N ILE A 44 -4.64 10.97 16.53
CA ILE A 44 -4.96 10.57 17.93
C ILE A 44 -5.53 11.83 18.64
N THR A 45 -6.74 11.70 19.17
CA THR A 45 -7.37 12.74 19.93
C THR A 45 -6.84 12.72 21.37
N VAL A 46 -6.42 13.89 21.84
CA VAL A 46 -5.81 14.15 23.10
C VAL A 46 -6.63 15.21 23.87
N GLY A 47 -7.30 14.79 24.93
CA GLY A 47 -7.98 15.71 25.81
C GLY A 47 -7.12 16.13 27.01
N ALA A 48 -7.58 17.18 27.72
CA ALA A 48 -6.92 17.69 29.00
C ALA A 48 -6.93 16.59 30.09
N ASN A 49 -8.03 15.85 30.10
CA ASN A 49 -8.28 14.63 30.82
C ASN A 49 -9.00 13.66 29.84
N LYS A 50 -9.54 12.56 30.35
CA LYS A 50 -10.11 11.51 29.51
C LYS A 50 -11.63 11.60 29.42
N GLU A 51 -12.16 12.77 29.75
CA GLU A 51 -13.58 13.03 29.70
C GLU A 51 -14.10 13.48 28.33
N MET A 52 -15.33 13.02 28.10
CA MET A 52 -16.08 13.36 26.92
C MET A 52 -16.25 14.86 26.80
N ILE A 53 -16.00 15.36 25.58
CA ILE A 53 -16.12 16.78 25.27
C ILE A 53 -17.22 16.94 24.24
N THR A 54 -17.83 18.14 24.21
CA THR A 54 -18.81 18.57 23.18
C THR A 54 -18.22 19.68 22.30
N THR A 55 -18.27 19.47 20.98
CA THR A 55 -17.81 20.45 19.99
C THR A 55 -18.84 21.60 19.94
N MET A 56 -18.44 22.72 19.35
CA MET A 56 -19.37 23.81 19.12
C MET A 56 -20.59 23.26 18.41
N GLY A 57 -20.40 22.33 17.48
CA GLY A 57 -21.50 21.74 16.78
C GLY A 57 -22.32 20.68 17.48
N GLY A 58 -21.88 20.28 18.66
CA GLY A 58 -22.64 19.42 19.55
C GLY A 58 -22.16 17.98 19.60
N LEU A 59 -21.08 17.69 18.88
CA LEU A 59 -20.61 16.34 18.78
C LEU A 59 -19.97 15.96 20.09
N ARG A 60 -20.38 14.80 20.64
CA ARG A 60 -19.75 14.26 21.85
C ARG A 60 -18.59 13.30 21.56
N ILE A 61 -17.39 13.79 21.81
CA ILE A 61 -16.20 13.09 21.40
C ILE A 61 -15.49 12.50 22.64
N LYS A 62 -14.97 11.28 22.47
CA LYS A 62 -14.35 10.55 23.53
C LYS A 62 -12.87 10.62 23.25
N PRO A 63 -12.12 11.39 24.07
CA PRO A 63 -10.69 11.52 23.82
C PRO A 63 -9.97 10.17 23.73
N ASP A 64 -9.04 10.02 22.78
CA ASP A 64 -8.26 8.78 22.77
C ASP A 64 -7.39 8.68 24.00
N ILE A 65 -6.66 9.75 24.28
CA ILE A 65 -5.73 9.78 25.35
C ILE A 65 -5.89 11.11 26.14
N SER A 66 -5.41 11.09 27.39
CA SER A 66 -5.28 12.30 28.21
C SER A 66 -3.93 12.90 27.86
N LEU A 67 -3.78 14.20 28.14
CA LEU A 67 -2.52 14.91 27.89
C LEU A 67 -1.34 14.24 28.58
N ASP A 68 -1.58 13.69 29.78
CA ASP A 68 -0.49 13.03 30.55
C ASP A 68 -0.01 11.74 29.92
N GLU A 69 -0.86 11.09 29.11
CA GLU A 69 -0.49 9.88 28.38
C GLU A 69 0.22 10.24 27.10
N CYS A 70 0.28 11.53 26.76
CA CYS A 70 0.73 11.92 25.41
C CYS A 70 2.17 12.28 25.47
N THR A 71 2.96 11.69 24.57
CA THR A 71 4.37 12.09 24.38
C THR A 71 4.57 12.74 23.03
N LEU A 72 4.97 14.00 23.00
CA LEU A 72 5.19 14.76 21.77
C LEU A 72 6.66 14.79 21.38
N GLU A 73 6.96 14.31 20.18
CA GLU A 73 8.32 14.19 19.70
C GLU A 73 8.60 15.07 18.50
N SER A 74 9.84 15.07 18.04
CA SER A 74 10.25 15.91 16.95
C SER A 74 9.50 15.39 15.71
N LYS A 75 8.96 16.33 14.92
CA LYS A 75 8.22 16.04 13.70
C LYS A 75 6.83 15.32 13.87
N ASP A 76 6.42 15.05 15.13
CA ASP A 76 5.02 14.80 15.44
C ASP A 76 4.21 16.08 15.10
N LEU A 77 2.89 15.93 15.08
CA LEU A 77 2.01 17.04 14.77
C LEU A 77 1.06 17.16 15.90
N LEU A 78 0.92 18.38 16.39
CA LEU A 78 -0.14 18.73 17.32
C LEU A 78 -1.03 19.79 16.67
N ILE A 79 -2.34 19.55 16.61
CA ILE A 79 -3.31 20.46 15.97
C ILE A 79 -4.10 21.03 17.10
N LEU A 80 -4.12 22.38 17.15
CA LEU A 80 -4.87 23.10 18.21
C LEU A 80 -5.98 23.93 17.61
N PRO A 81 -7.19 23.41 17.69
CA PRO A 81 -8.32 24.13 17.15
C PRO A 81 -8.71 25.36 17.96
N GLY A 82 -9.51 26.18 17.34
CA GLY A 82 -10.17 27.27 17.99
C GLY A 82 -11.38 26.85 18.81
N GLY A 83 -11.82 27.75 19.70
CA GLY A 83 -12.93 27.51 20.61
C GLY A 83 -13.15 28.76 21.44
N THR A 84 -14.14 28.74 22.31
CA THR A 84 -14.54 29.90 23.09
C THR A 84 -14.06 29.88 24.56
N THR A 85 -13.00 29.12 24.85
CA THR A 85 -12.74 28.59 26.16
C THR A 85 -11.26 28.74 26.53
N TRP A 86 -10.47 29.33 25.65
CA TRP A 86 -9.01 29.22 25.74
C TRP A 86 -8.31 29.95 26.92
N SER A 87 -9.00 30.84 27.58
CA SER A 87 -8.39 31.53 28.72
C SER A 87 -8.62 30.76 30.03
N GLU A 88 -9.61 29.85 30.03
CA GLU A 88 -9.82 28.91 31.13
C GLU A 88 -8.57 28.09 31.47
N GLU A 89 -8.52 27.69 32.74
CA GLU A 89 -7.31 27.11 33.34
C GLU A 89 -7.10 25.67 32.90
N ILE A 90 -8.18 24.97 32.59
CA ILE A 90 -8.14 23.58 32.13
C ILE A 90 -6.99 23.36 31.13
N HIS A 91 -6.75 24.39 30.31
CA HIS A 91 -5.77 24.39 29.17
C HIS A 91 -4.37 24.79 29.49
N GLN A 92 -4.10 25.32 30.70
CA GLN A 92 -2.72 25.70 31.08
C GLN A 92 -1.70 24.54 30.94
N PRO A 93 -2.07 23.35 31.33
CA PRO A 93 -1.16 22.20 31.07
C PRO A 93 -0.72 22.00 29.60
N ILE A 94 -1.67 22.03 28.65
CA ILE A 94 -1.32 21.87 27.23
C ILE A 94 -0.49 23.08 26.81
N LEU A 95 -0.95 24.27 27.18
CA LEU A 95 -0.23 25.51 26.92
C LEU A 95 1.23 25.50 27.40
N GLU A 96 1.53 24.89 28.57
CA GLU A 96 2.93 24.69 29.02
C GLU A 96 3.66 23.69 28.15
N ARG A 97 2.99 22.59 27.81
CA ARG A 97 3.57 21.56 26.94
C ARG A 97 3.78 21.98 25.49
N ILE A 98 3.04 22.99 25.04
CA ILE A 98 3.23 23.53 23.71
C ILE A 98 4.62 24.17 23.62
N GLY A 99 5.13 24.63 24.76
CA GLY A 99 6.47 25.25 24.85
C GLY A 99 7.64 24.32 24.62
N GLN A 100 7.61 23.17 25.26
CA GLN A 100 8.66 22.17 24.99
C GLN A 100 8.49 21.42 23.67
N ALA A 101 7.22 21.17 23.27
CA ALA A 101 6.89 20.62 21.94
C ALA A 101 7.52 21.44 20.83
N LEU A 102 7.38 22.75 20.87
CA LEU A 102 8.08 23.62 19.91
C LEU A 102 9.59 23.51 20.04
N LYS A 103 10.10 23.29 21.26
CA LYS A 103 11.54 23.16 21.48
C LYS A 103 12.07 21.85 20.90
N ILE A 104 11.33 20.77 21.16
CA ILE A 104 11.73 19.44 20.67
C ILE A 104 11.62 19.30 19.15
N GLY A 105 10.83 20.20 18.50
CA GLY A 105 10.65 20.24 17.02
C GLY A 105 9.32 19.64 16.55
N THR A 106 8.39 19.45 17.48
CA THR A 106 7.06 19.01 17.05
C THR A 106 6.43 20.15 16.21
N ILE A 107 5.62 19.76 15.22
CA ILE A 107 4.94 20.68 14.34
C ILE A 107 3.70 21.04 15.12
N VAL A 108 3.58 22.32 15.48
CA VAL A 108 2.36 22.76 16.15
C VAL A 108 1.54 23.69 15.25
N ALA A 109 0.26 23.35 15.19
CA ALA A 109 -0.63 23.89 14.21
C ALA A 109 -1.82 24.47 14.95
N ALA A 110 -1.92 25.82 14.91
CA ALA A 110 -2.87 26.52 15.76
C ALA A 110 -3.79 27.36 14.90
N ILE A 111 -5.07 27.29 15.14
CA ILE A 111 -6.03 28.01 14.34
C ILE A 111 -6.95 28.80 15.28
N CYS A 112 -7.29 30.01 14.87
CA CYS A 112 -8.34 30.79 15.51
C CYS A 112 -7.95 31.19 16.97
N GLY A 113 -8.88 31.00 17.92
CA GLY A 113 -8.67 31.26 19.30
C GLY A 113 -7.43 30.59 19.82
N ALA A 114 -7.04 29.42 19.31
CA ALA A 114 -5.77 28.77 19.74
C ALA A 114 -4.55 29.67 19.50
N THR A 115 -4.61 30.46 18.41
CA THR A 115 -3.59 31.48 18.10
C THR A 115 -3.35 32.55 19.25
N ASP A 116 -4.46 33.05 19.80
CA ASP A 116 -4.47 33.99 20.92
C ASP A 116 -4.01 33.37 22.22
N ALA A 117 -4.37 32.10 22.49
CA ALA A 117 -3.75 31.34 23.63
C ALA A 117 -2.18 31.29 23.53
N LEU A 118 -1.65 31.02 22.34
CA LEU A 118 -0.20 30.97 22.14
C LEU A 118 0.43 32.38 22.25
N ALA A 119 -0.36 33.39 21.91
CA ALA A 119 0.05 34.79 21.99
C ALA A 119 0.22 35.20 23.47
N ASN A 120 -0.68 34.70 24.30
CA ASN A 120 -0.70 35.13 25.66
C ASN A 120 0.30 34.36 26.55
N MET A 121 0.84 33.24 26.06
CA MET A 121 2.07 32.56 26.62
C MET A 121 3.39 33.05 26.00
N GLY A 122 3.27 33.98 25.05
CA GLY A 122 4.44 34.60 24.49
C GLY A 122 5.14 33.79 23.45
N TYR A 123 4.55 32.67 23.07
CA TYR A 123 5.12 31.83 22.02
C TYR A 123 5.20 32.54 20.63
N LEU A 124 4.32 33.51 20.38
CA LEU A 124 4.26 34.26 19.10
C LEU A 124 4.95 35.64 19.10
N ASP A 125 5.80 35.91 20.10
CA ASP A 125 6.47 37.23 20.31
C ASP A 125 7.52 37.56 19.25
N THR A 126 8.30 36.53 18.90
CA THR A 126 9.38 36.67 17.95
C THR A 126 9.31 35.57 16.87
N ARG A 127 8.10 35.26 16.45
CA ARG A 127 7.88 34.25 15.40
C ARG A 127 6.77 34.77 14.49
N LYS A 128 7.00 34.75 13.17
CA LYS A 128 5.99 35.15 12.19
C LYS A 128 4.72 34.38 12.50
N HIS A 129 3.58 35.06 12.50
CA HIS A 129 2.31 34.44 12.87
C HIS A 129 1.14 35.28 12.41
N THR A 130 -0.06 34.75 12.51
CA THR A 130 -1.28 35.54 12.32
C THR A 130 -2.29 35.11 13.37
N SER A 131 -3.50 35.64 13.28
CA SER A 131 -4.56 35.37 14.23
C SER A 131 -5.82 35.81 13.53
N ASN A 132 -6.95 35.81 14.25
CA ASN A 132 -8.18 36.27 13.63
C ASN A 132 -8.12 37.78 13.26
N ASN A 133 -7.50 38.57 14.14
CA ASN A 133 -7.51 40.05 14.06
C ASN A 133 -6.49 40.56 15.06
N LEU A 134 -5.54 41.37 14.63
CA LEU A 134 -4.46 41.82 15.54
C LEU A 134 -4.96 42.70 16.70
N GLU A 135 -5.93 43.58 16.44
CA GLU A 135 -6.50 44.46 17.48
C GLU A 135 -7.27 43.70 18.56
N TYR A 136 -7.91 42.60 18.21
CA TYR A 136 -8.56 41.72 19.19
C TYR A 136 -7.49 41.00 19.93
N THR A 137 -6.48 40.53 19.21
CA THR A 137 -5.37 39.83 19.85
C THR A 137 -4.66 40.73 20.86
N LYS A 138 -4.53 41.98 20.48
CA LYS A 138 -3.91 43.02 21.28
C LYS A 138 -4.68 43.27 22.55
N MET A 139 -5.97 43.54 22.40
CA MET A 139 -6.94 43.75 23.51
C MET A 139 -7.01 42.53 24.45
N VAL A 140 -7.22 41.36 23.85
CA VAL A 140 -7.62 40.15 24.58
C VAL A 140 -6.39 39.39 25.14
N CYS A 141 -5.16 39.79 24.76
CA CYS A 141 -3.92 39.08 25.13
C CYS A 141 -2.96 40.05 25.73
N PRO A 142 -3.10 40.28 27.03
CA PRO A 142 -2.34 41.30 27.70
C PRO A 142 -0.83 41.13 27.58
N ASN A 143 -0.28 39.90 27.57
CA ASN A 143 1.20 39.79 27.56
C ASN A 143 1.78 39.27 26.25
N TYR A 144 1.09 39.67 25.18
CA TYR A 144 1.51 39.41 23.83
C TYR A 144 2.27 40.63 23.37
N LYS A 145 3.50 40.42 22.86
CA LYS A 145 4.31 41.51 22.32
C LYS A 145 4.83 41.22 20.92
N GLY A 146 4.05 40.49 20.14
CA GLY A 146 4.49 40.03 18.82
C GLY A 146 4.07 40.85 17.62
N GLU A 147 3.46 42.04 17.84
CA GLU A 147 2.79 42.76 16.73
C GLU A 147 3.64 42.95 15.46
N LYS A 148 4.97 43.01 15.64
CA LYS A 148 5.90 43.31 14.54
C LYS A 148 6.09 42.08 13.65
N PHE A 149 5.82 40.89 14.20
CA PHE A 149 5.94 39.62 13.46
C PHE A 149 4.60 39.14 12.88
N TYR A 150 3.54 39.88 13.19
CA TYR A 150 2.20 39.62 12.77
C TYR A 150 2.12 39.92 11.30
N GLU A 151 1.52 38.99 10.57
CA GLU A 151 1.12 39.18 9.21
C GLU A 151 -0.37 38.80 9.01
N LEU A 152 -0.95 39.32 7.93
CA LEU A 152 -2.38 39.14 7.64
C LEU A 152 -2.71 37.68 7.24
N GLY A 153 -1.70 36.91 6.87
CA GLY A 153 -1.95 35.51 6.53
C GLY A 153 -2.91 35.37 5.34
N PRO A 154 -4.06 34.67 5.55
CA PRO A 154 -4.68 34.12 6.81
C PRO A 154 -4.09 32.81 7.34
N ALA A 155 -3.07 32.26 6.66
CA ALA A 155 -2.23 31.17 7.21
C ALA A 155 -0.73 31.55 7.09
N VAL A 156 0.05 31.16 8.09
CA VAL A 156 1.48 31.50 8.17
C VAL A 156 2.11 30.25 8.69
N SER A 157 3.22 29.91 8.08
CA SER A 157 4.02 28.74 8.44
C SER A 157 5.35 29.31 8.82
N ASP A 158 5.82 29.09 10.02
CA ASP A 158 7.16 29.60 10.41
C ASP A 158 7.87 28.45 11.07
N ALA A 159 8.86 27.89 10.39
CA ALA A 159 9.62 26.77 10.93
C ALA A 159 8.64 25.67 11.35
N ASN A 160 8.59 25.27 12.60
CA ASN A 160 7.63 24.25 13.05
C ASN A 160 6.26 24.73 13.60
N LEU A 161 5.91 25.99 13.37
CA LEU A 161 4.64 26.56 13.80
C LEU A 161 3.81 27.04 12.61
N VAL A 162 2.59 26.51 12.53
CA VAL A 162 1.59 27.01 11.61
C VAL A 162 0.48 27.71 12.38
N THR A 163 0.08 28.90 11.96
CA THR A 163 -1.07 29.58 12.63
C THR A 163 -2.01 30.04 11.55
N ALA A 164 -3.30 30.07 11.85
CA ALA A 164 -4.27 30.61 10.93
C ALA A 164 -5.43 31.28 11.64
N SER A 165 -6.13 32.13 10.91
CA SER A 165 -7.45 32.55 11.29
C SER A 165 -8.56 31.47 11.06
N GLY A 166 -9.59 31.45 11.90
CA GLY A 166 -10.59 30.38 11.88
C GLY A 166 -11.40 30.31 10.61
N ILE A 167 -11.35 31.42 9.90
CA ILE A 167 -12.05 31.73 8.70
C ILE A 167 -11.38 31.00 7.50
N ALA A 168 -10.14 30.49 7.70
CA ALA A 168 -9.30 29.88 6.66
C ALA A 168 -8.85 28.44 6.91
N PRO A 169 -9.78 27.52 7.21
CA PRO A 169 -9.38 26.11 7.40
C PRO A 169 -8.67 25.40 6.24
N LEU A 170 -8.88 25.85 5.00
CA LEU A 170 -8.31 25.27 3.80
C LEU A 170 -6.85 25.61 3.66
N GLU A 171 -6.54 26.90 3.84
CA GLU A 171 -5.21 27.45 3.89
C GLU A 171 -4.38 26.88 5.07
N PHE A 172 -5.03 26.76 6.23
CA PHE A 172 -4.50 26.06 7.38
C PHE A 172 -4.06 24.61 7.04
N ALA A 173 -5.03 23.81 6.62
CA ALA A 173 -4.84 22.40 6.16
C ALA A 173 -3.70 22.31 5.16
N MET A 174 -3.73 23.15 4.16
CA MET A 174 -2.74 23.18 3.13
C MET A 174 -1.37 23.38 3.64
N GLU A 175 -1.16 24.32 4.54
CA GLU A 175 0.17 24.60 5.12
C GLU A 175 0.72 23.54 6.03
N VAL A 176 -0.13 22.98 6.89
CA VAL A 176 0.20 21.82 7.69
C VAL A 176 0.57 20.66 6.80
N LEU A 177 -0.28 20.36 5.81
CA LEU A 177 -0.06 19.25 4.89
C LEU A 177 1.31 19.40 4.19
N LYS A 178 1.62 20.56 3.64
CA LYS A 178 2.91 20.91 3.08
C LYS A 178 4.07 20.65 4.03
N LYS A 179 4.03 21.29 5.22
CA LYS A 179 5.03 21.11 6.26
C LYS A 179 5.38 19.65 6.56
N ILE A 180 4.39 18.80 6.79
CA ILE A 180 4.64 17.41 7.06
C ILE A 180 4.98 16.53 5.81
N ASP A 181 4.82 17.09 4.61
CA ASP A 181 5.32 16.56 3.34
C ASP A 181 4.75 15.21 2.73
N VAL A 182 3.42 15.12 2.70
CA VAL A 182 2.69 13.83 2.72
C VAL A 182 1.98 13.66 1.33
N PHE A 183 1.75 14.81 0.71
CA PHE A 183 1.26 14.94 -0.61
C PHE A 183 2.48 15.39 -1.50
N THR A 184 2.47 15.02 -2.78
CA THR A 184 3.29 15.74 -3.75
C THR A 184 2.87 17.24 -3.72
N LEU A 185 3.76 18.09 -4.21
CA LEU A 185 3.54 19.52 -4.23
C LEU A 185 2.43 19.86 -5.20
N ASP A 186 2.41 19.19 -6.32
CA ASP A 186 1.33 19.22 -7.28
C ASP A 186 -0.03 18.69 -6.82
N ALA A 187 -0.10 17.50 -6.24
CA ALA A 187 -1.33 17.05 -5.58
C ALA A 187 -1.89 18.13 -4.57
N LEU A 188 -1.02 18.76 -3.77
CA LEU A 188 -1.45 19.72 -2.78
C LEU A 188 -1.96 21.00 -3.45
N HIS A 189 -1.30 21.51 -4.47
CA HIS A 189 -1.83 22.68 -5.16
C HIS A 189 -3.17 22.39 -5.79
N SER A 190 -3.36 21.19 -6.30
CA SER A 190 -4.62 20.80 -6.90
C SER A 190 -5.78 20.56 -5.92
N TRP A 191 -5.51 19.89 -4.83
CA TRP A 191 -6.45 19.66 -3.78
C TRP A 191 -6.94 21.02 -3.29
N TYR A 192 -6.00 21.92 -3.12
CA TYR A 192 -6.30 23.25 -2.65
C TYR A 192 -7.21 24.02 -3.55
N ASN A 193 -6.82 24.12 -4.82
CA ASN A 193 -7.62 24.80 -5.85
C ASN A 193 -8.92 24.11 -6.15
N LEU A 194 -8.95 22.79 -6.07
CA LEU A 194 -10.20 22.05 -6.08
C LEU A 194 -11.14 22.59 -5.03
N ASN A 195 -10.66 22.68 -3.78
CA ASN A 195 -11.52 23.05 -2.66
C ASN A 195 -11.93 24.52 -2.66
N LYS A 196 -11.01 25.42 -3.00
CA LYS A 196 -11.28 26.87 -3.14
C LYS A 196 -12.19 27.31 -4.27
N THR A 197 -12.13 26.56 -5.34
CA THR A 197 -12.52 27.04 -6.67
C THR A 197 -13.69 26.22 -7.13
N HIS A 198 -13.72 24.94 -6.76
CA HIS A 198 -14.75 24.00 -7.18
C HIS A 198 -14.66 23.60 -8.64
N LYS A 199 -13.61 24.02 -9.37
CA LYS A 199 -13.47 23.58 -10.75
C LYS A 199 -13.09 22.11 -10.79
N PRO A 200 -13.90 21.24 -11.45
CA PRO A 200 -13.67 19.76 -11.48
C PRO A 200 -12.35 19.31 -12.06
N GLU A 201 -11.80 20.09 -12.97
CA GLU A 201 -10.53 19.73 -13.63
C GLU A 201 -9.39 19.63 -12.61
N TYR A 202 -9.49 20.37 -11.50
CA TYR A 202 -8.51 20.24 -10.43
C TYR A 202 -8.58 18.85 -9.78
N PHE A 203 -9.73 18.19 -9.79
CA PHE A 203 -9.84 16.87 -9.22
C PHE A 203 -9.21 15.83 -10.11
N PHE A 204 -9.27 16.04 -11.43
CA PHE A 204 -8.62 15.17 -12.39
C PHE A 204 -7.14 15.35 -12.25
N GLN A 205 -6.69 16.58 -12.11
CA GLN A 205 -5.24 16.81 -12.00
C GLN A 205 -4.71 16.32 -10.66
N LEU A 206 -5.47 16.49 -9.58
CA LEU A 206 -5.11 15.91 -8.31
C LEU A 206 -4.90 14.43 -8.41
N MET A 207 -5.91 13.77 -8.96
CA MET A 207 -5.87 12.30 -9.10
C MET A 207 -4.67 11.82 -9.99
N ASN A 208 -4.23 12.67 -10.92
CA ASN A 208 -3.14 12.39 -11.83
C ASN A 208 -1.80 12.65 -11.25
N SER A 209 -1.76 13.23 -10.05
CA SER A 209 -0.46 13.59 -9.53
C SER A 209 -0.22 13.17 -8.14
N ILE A 210 -1.03 12.26 -7.59
CA ILE A 210 -0.87 11.94 -6.19
C ILE A 210 0.47 11.24 -5.96
N ASN A 211 0.94 10.48 -6.97
CA ASN A 211 2.26 9.84 -6.90
C ASN A 211 3.28 10.34 -7.92
N LYS A 212 3.20 11.63 -8.26
CA LYS A 212 4.05 12.24 -9.29
C LYS A 212 5.55 12.10 -9.05
N GLN B 1 -7.49 -12.44 3.32
CA GLN B 1 -7.92 -11.79 2.01
C GLN B 1 -7.34 -10.37 1.73
N GLY B 2 -6.64 -10.19 0.62
CA GLY B 2 -5.80 -9.00 0.39
C GLY B 2 -4.86 -9.24 -0.80
N MET B 3 -4.01 -8.29 -1.11
CA MET B 3 -3.23 -8.33 -2.35
C MET B 3 -2.14 -9.41 -2.34
N GLN B 4 -2.22 -10.37 -3.28
CA GLN B 4 -1.24 -11.48 -3.33
C GLN B 4 -0.10 -11.28 -4.30
N THR B 5 -0.22 -10.32 -5.22
CA THR B 5 0.80 -10.16 -6.26
C THR B 5 1.79 -9.11 -5.80
N LYS B 6 3.03 -9.53 -5.67
CA LYS B 6 4.12 -8.66 -5.19
C LYS B 6 5.02 -8.21 -6.36
N LYS B 7 5.27 -9.14 -7.26
CA LYS B 7 6.22 -8.94 -8.31
C LYS B 7 5.50 -9.02 -9.76
N ALA B 8 5.86 -8.10 -10.65
CA ALA B 8 5.55 -8.12 -12.08
C ALA B 8 6.84 -8.12 -12.89
N PHE B 9 6.94 -9.04 -13.87
CA PHE B 9 8.10 -9.09 -14.80
C PHE B 9 7.61 -9.00 -16.21
N LEU B 10 8.36 -8.25 -17.02
CA LEU B 10 8.18 -8.23 -18.48
C LEU B 10 9.43 -8.84 -19.17
N TYR B 11 9.23 -9.95 -19.86
CA TYR B 11 10.26 -10.57 -20.70
C TYR B 11 10.51 -9.67 -21.90
N VAL B 12 11.70 -9.10 -21.99
CA VAL B 12 12.16 -8.17 -23.03
C VAL B 12 13.16 -8.90 -23.95
N PHE B 13 13.01 -8.69 -25.26
CA PHE B 13 13.87 -9.34 -26.26
C PHE B 13 13.78 -8.60 -27.57
N ASN B 14 14.75 -8.78 -28.45
CA ASN B 14 14.71 -8.13 -29.73
C ASN B 14 13.50 -8.53 -30.50
N THR B 15 12.76 -7.55 -30.97
CA THR B 15 11.68 -7.82 -31.88
C THR B 15 10.31 -7.65 -31.27
N MET B 16 10.24 -7.81 -29.96
CA MET B 16 9.04 -7.66 -29.14
C MET B 16 8.16 -6.54 -29.60
N SER B 17 6.89 -6.79 -29.51
CA SER B 17 5.86 -6.00 -30.21
C SER B 17 5.33 -4.91 -29.32
N ASP B 18 5.66 -3.65 -29.65
CA ASP B 18 5.41 -2.47 -28.78
C ASP B 18 3.95 -2.17 -28.38
N TRP B 19 3.03 -2.40 -29.28
CA TRP B 19 1.63 -2.13 -29.01
C TRP B 19 1.04 -3.14 -28.09
N GLU B 20 1.74 -4.21 -27.80
CA GLU B 20 1.07 -5.36 -27.18
C GLU B 20 1.03 -5.33 -25.63
N TYR B 21 1.99 -4.62 -25.05
CA TYR B 21 2.22 -4.65 -23.55
C TYR B 21 2.08 -3.29 -22.93
N GLY B 22 1.90 -2.26 -23.73
CA GLY B 22 1.99 -0.90 -23.28
C GLY B 22 0.97 -0.41 -22.25
N TYR B 23 -0.30 -0.75 -22.47
CA TYR B 23 -1.40 -0.51 -21.55
C TYR B 23 -1.10 -1.16 -20.23
N LEU B 24 -0.86 -2.47 -20.28
CA LEU B 24 -0.74 -3.27 -19.07
C LEU B 24 0.39 -2.74 -18.17
N ILE B 25 1.55 -2.54 -18.80
CA ILE B 25 2.72 -2.20 -18.05
C ILE B 25 2.64 -0.82 -17.50
N ALA B 26 2.02 0.13 -18.20
CA ALA B 26 1.90 1.53 -17.71
C ALA B 26 0.92 1.65 -16.53
N GLU B 27 -0.21 0.95 -16.62
CA GLU B 27 -1.16 0.85 -15.49
C GLU B 27 -0.57 0.18 -14.27
N LEU B 28 0.15 -0.93 -14.48
CA LEU B 28 0.85 -1.60 -13.38
C LEU B 28 1.90 -0.70 -12.74
N ASN B 29 2.80 -0.18 -13.52
CA ASN B 29 3.97 0.36 -12.96
C ASN B 29 3.72 1.63 -12.25
N SER B 30 2.83 2.43 -12.82
CA SER B 30 2.43 3.73 -12.29
C SER B 30 1.39 3.52 -11.16
N GLY B 31 0.66 2.42 -11.12
CA GLY B 31 -0.40 2.21 -10.13
C GLY B 31 -1.57 3.19 -10.02
N ARG B 32 -1.68 4.10 -10.98
CA ARG B 32 -2.47 5.35 -10.85
C ARG B 32 -3.98 5.16 -10.72
N TYR B 33 -4.52 4.05 -11.20
CA TYR B 33 -5.93 3.75 -11.08
C TYR B 33 -6.24 2.59 -10.15
N PHE B 34 -5.26 2.23 -9.34
CA PHE B 34 -5.42 1.18 -8.32
C PHE B 34 -6.43 1.57 -7.27
N LYS B 35 -7.08 0.53 -6.72
CA LYS B 35 -7.77 0.53 -5.43
C LYS B 35 -6.98 1.40 -4.41
N LYS B 36 -7.76 1.95 -3.50
CA LYS B 36 -7.37 2.59 -2.25
C LYS B 36 -6.02 2.33 -1.59
N ASP B 37 -5.68 1.15 -1.18
CA ASP B 37 -4.49 1.24 -0.35
C ASP B 37 -3.24 0.60 -0.92
N LEU B 38 -3.28 0.46 -2.23
CA LEU B 38 -2.41 -0.37 -2.97
C LEU B 38 -1.38 0.47 -3.63
N ALA B 39 -0.14 0.15 -3.43
CA ALA B 39 0.92 0.80 -4.13
C ALA B 39 1.16 0.15 -5.50
N PRO B 40 1.82 0.86 -6.39
CA PRO B 40 2.14 0.36 -7.72
C PRO B 40 2.79 -1.02 -7.78
N LEU B 41 2.51 -1.75 -8.83
CA LEU B 41 3.11 -3.05 -9.09
C LEU B 41 4.19 -2.75 -10.10
N LYS B 42 5.38 -2.38 -9.58
CA LYS B 42 6.55 -2.05 -10.39
C LYS B 42 6.91 -3.20 -11.34
N VAL B 43 7.19 -2.85 -12.61
CA VAL B 43 7.46 -3.78 -13.68
C VAL B 43 8.96 -3.85 -13.85
N ILE B 44 9.49 -5.05 -13.65
CA ILE B 44 10.94 -5.35 -13.77
C ILE B 44 11.15 -6.03 -15.12
N THR B 45 11.96 -5.45 -15.98
CA THR B 45 12.27 -6.07 -17.25
C THR B 45 13.36 -7.12 -17.11
N VAL B 46 12.97 -8.40 -17.28
CA VAL B 46 13.87 -9.57 -17.43
C VAL B 46 14.27 -9.90 -18.87
N GLY B 47 15.58 -10.00 -19.11
CA GLY B 47 16.10 -10.37 -20.44
C GLY B 47 16.58 -11.79 -20.40
N ALA B 48 16.72 -12.42 -21.57
CA ALA B 48 17.43 -13.68 -21.69
C ALA B 48 18.80 -13.55 -20.99
N ASN B 49 19.44 -12.38 -21.20
CA ASN B 49 20.66 -11.94 -20.53
C ASN B 49 20.58 -10.41 -20.37
N LYS B 50 21.66 -9.73 -19.97
CA LYS B 50 21.59 -8.26 -19.71
C LYS B 50 21.88 -7.32 -20.91
N GLU B 51 22.06 -7.88 -22.12
CA GLU B 51 22.30 -7.10 -23.35
C GLU B 51 21.09 -6.25 -23.73
N MET B 52 21.36 -5.03 -24.22
CA MET B 52 20.30 -4.21 -24.78
C MET B 52 19.56 -4.92 -25.91
N ILE B 53 18.24 -4.88 -25.83
CA ILE B 53 17.35 -5.31 -26.90
C ILE B 53 16.75 -4.15 -27.70
N THR B 54 16.27 -4.45 -28.93
CA THR B 54 15.51 -3.53 -29.77
C THR B 54 14.09 -4.08 -30.03
N THR B 55 13.10 -3.24 -29.79
CA THR B 55 11.69 -3.60 -29.97
C THR B 55 11.40 -3.44 -31.46
N MET B 56 10.27 -3.96 -31.92
CA MET B 56 9.86 -3.84 -33.30
C MET B 56 9.84 -2.39 -33.76
N GLY B 57 9.37 -1.49 -32.90
CA GLY B 57 9.43 -0.06 -33.21
C GLY B 57 10.78 0.62 -33.03
N GLY B 58 11.81 -0.10 -32.59
CA GLY B 58 13.17 0.41 -32.62
C GLY B 58 13.68 0.93 -31.31
N LEU B 59 12.98 0.63 -30.26
CA LEU B 59 13.39 1.16 -29.00
C LEU B 59 14.50 0.26 -28.44
N ARG B 60 15.59 0.88 -27.97
CA ARG B 60 16.69 0.19 -27.26
C ARG B 60 16.54 0.20 -25.75
N ILE B 61 16.34 -0.98 -25.21
CA ILE B 61 15.90 -1.14 -23.86
C ILE B 61 16.94 -1.97 -23.13
N LYS B 62 17.36 -1.46 -21.95
CA LYS B 62 18.28 -2.17 -21.07
C LYS B 62 17.50 -2.98 -20.07
N PRO B 63 17.56 -4.31 -20.16
CA PRO B 63 16.95 -5.19 -19.18
C PRO B 63 17.33 -4.87 -17.70
N ASP B 64 16.36 -4.82 -16.79
CA ASP B 64 16.69 -4.68 -15.34
C ASP B 64 17.57 -5.90 -14.81
N ILE B 65 17.08 -7.11 -15.08
CA ILE B 65 17.69 -8.36 -14.66
C ILE B 65 17.86 -9.33 -15.83
N SER B 66 18.54 -10.42 -15.57
CA SER B 66 18.75 -11.48 -16.50
C SER B 66 17.83 -12.56 -15.99
N LEU B 67 17.42 -13.45 -16.87
CA LEU B 67 16.64 -14.61 -16.45
C LEU B 67 17.14 -15.26 -15.12
N ASP B 68 18.44 -15.16 -14.83
CA ASP B 68 19.08 -15.78 -13.65
C ASP B 68 18.63 -15.22 -12.31
N GLU B 69 18.68 -13.89 -12.22
CA GLU B 69 18.09 -13.17 -11.10
C GLU B 69 16.65 -13.56 -10.93
N CYS B 70 15.89 -13.49 -12.00
CA CYS B 70 14.47 -13.71 -11.93
C CYS B 70 14.07 -14.97 -11.19
N THR B 71 13.12 -14.83 -10.24
CA THR B 71 12.50 -15.96 -9.51
C THR B 71 11.00 -15.82 -9.65
N LEU B 72 10.35 -16.94 -9.93
CA LEU B 72 8.96 -16.95 -10.32
C LEU B 72 8.18 -17.83 -9.38
N GLU B 73 7.43 -17.19 -8.49
CA GLU B 73 6.69 -17.87 -7.45
C GLU B 73 5.20 -17.56 -7.55
N SER B 74 4.39 -18.23 -6.76
CA SER B 74 2.97 -18.08 -6.81
C SER B 74 2.50 -16.61 -6.79
N LYS B 75 1.49 -16.31 -7.64
CA LYS B 75 0.89 -14.97 -7.86
C LYS B 75 1.84 -13.83 -8.32
N ASP B 76 3.12 -14.13 -8.57
CA ASP B 76 3.92 -13.24 -9.40
C ASP B 76 3.24 -13.19 -10.81
N LEU B 77 3.65 -12.21 -11.60
CA LEU B 77 3.12 -11.97 -12.92
C LEU B 77 4.30 -11.92 -13.89
N LEU B 78 4.23 -12.82 -14.93
CA LEU B 78 5.14 -12.79 -16.09
C LEU B 78 4.39 -12.47 -17.39
N ILE B 79 4.87 -11.44 -18.09
CA ILE B 79 4.31 -10.91 -19.30
C ILE B 79 5.27 -11.25 -20.43
N LEU B 80 4.72 -11.98 -21.40
CA LEU B 80 5.40 -12.49 -22.57
C LEU B 80 4.71 -11.81 -23.78
N PRO B 81 5.36 -10.77 -24.34
CA PRO B 81 4.88 -10.23 -25.59
C PRO B 81 5.20 -11.08 -26.84
N GLY B 82 4.47 -10.78 -27.90
CA GLY B 82 4.79 -11.16 -29.21
C GLY B 82 6.06 -10.56 -29.75
N GLY B 83 6.53 -11.24 -30.80
CA GLY B 83 7.69 -10.89 -31.58
C GLY B 83 7.91 -11.95 -32.66
N THR B 84 8.98 -11.76 -33.46
CA THR B 84 9.19 -12.48 -34.73
C THR B 84 10.17 -13.66 -34.58
N THR B 85 10.48 -13.97 -33.35
CA THR B 85 11.70 -14.63 -32.97
C THR B 85 11.47 -15.74 -31.93
N TRP B 86 10.23 -16.15 -31.66
CA TRP B 86 9.97 -17.05 -30.55
C TRP B 86 10.41 -18.49 -30.72
N SER B 87 10.67 -18.90 -31.97
CA SER B 87 11.11 -20.25 -32.26
C SER B 87 12.58 -20.45 -31.95
N GLU B 88 13.39 -19.39 -32.11
CA GLU B 88 14.81 -19.38 -31.71
C GLU B 88 15.11 -19.92 -30.29
N GLU B 89 16.34 -20.46 -30.14
CA GLU B 89 16.71 -21.30 -28.96
C GLU B 89 17.15 -20.40 -27.81
N ILE B 90 17.50 -19.15 -28.15
CA ILE B 90 17.64 -18.06 -27.18
C ILE B 90 16.54 -17.98 -26.16
N HIS B 91 15.34 -18.46 -26.49
CA HIS B 91 14.16 -18.34 -25.61
C HIS B 91 13.85 -19.60 -24.89
N GLN B 92 14.60 -20.63 -25.18
CA GLN B 92 14.35 -21.93 -24.60
C GLN B 92 14.53 -21.95 -23.06
N PRO B 93 15.60 -21.31 -22.54
CA PRO B 93 15.73 -21.19 -21.05
C PRO B 93 14.40 -20.68 -20.36
N ILE B 94 13.96 -19.47 -20.69
CA ILE B 94 12.62 -18.93 -20.20
C ILE B 94 11.44 -19.91 -20.42
N LEU B 95 11.38 -20.54 -21.59
CA LEU B 95 10.27 -21.44 -21.94
C LEU B 95 10.19 -22.61 -21.00
N GLU B 96 11.38 -23.10 -20.62
CA GLU B 96 11.53 -24.14 -19.57
C GLU B 96 11.08 -23.66 -18.18
N ARG B 97 11.58 -22.52 -17.81
CA ARG B 97 11.20 -21.93 -16.55
C ARG B 97 9.69 -21.62 -16.42
N ILE B 98 9.01 -21.35 -17.55
CA ILE B 98 7.59 -21.09 -17.58
C ILE B 98 6.73 -22.27 -17.14
N GLY B 99 7.17 -23.47 -17.46
CA GLY B 99 6.41 -24.68 -17.11
C GLY B 99 6.47 -24.95 -15.63
N GLN B 100 7.53 -24.46 -14.98
CA GLN B 100 7.68 -24.54 -13.53
C GLN B 100 6.85 -23.42 -12.89
N ALA B 101 7.04 -22.23 -13.44
CA ALA B 101 6.31 -21.07 -13.02
C ALA B 101 4.80 -21.34 -13.07
N LEU B 102 4.29 -22.00 -14.09
CA LEU B 102 2.83 -22.29 -14.18
C LEU B 102 2.37 -23.26 -13.09
N LYS B 103 3.24 -24.20 -12.78
CA LYS B 103 2.94 -25.22 -11.79
C LYS B 103 2.80 -24.62 -10.39
N ILE B 104 3.76 -23.78 -10.01
CA ILE B 104 3.79 -23.02 -8.76
C ILE B 104 2.66 -21.98 -8.58
N GLY B 105 2.02 -21.52 -9.67
CA GLY B 105 0.90 -20.56 -9.65
C GLY B 105 1.27 -19.11 -9.96
N THR B 106 2.47 -18.85 -10.44
CA THR B 106 2.70 -17.62 -11.17
C THR B 106 1.71 -17.38 -12.35
N ILE B 107 1.25 -16.12 -12.41
CA ILE B 107 0.30 -15.63 -13.43
C ILE B 107 1.11 -15.38 -14.72
N VAL B 108 0.89 -16.21 -15.74
CA VAL B 108 1.56 -15.96 -17.03
C VAL B 108 0.55 -15.38 -18.09
N ALA B 109 0.97 -14.22 -18.62
CA ALA B 109 0.22 -13.45 -19.57
C ALA B 109 1.08 -13.43 -20.86
N ALA B 110 0.58 -14.16 -21.86
CA ALA B 110 1.16 -14.32 -23.20
C ALA B 110 0.24 -13.74 -24.26
N ILE B 111 0.81 -12.97 -25.20
CA ILE B 111 0.07 -12.31 -26.24
C ILE B 111 0.79 -12.59 -27.55
N CYS B 112 0.00 -12.93 -28.58
CA CYS B 112 0.47 -13.04 -29.94
C CYS B 112 1.46 -14.21 -30.07
N GLY B 113 2.63 -14.00 -30.70
CA GLY B 113 3.59 -15.09 -30.86
C GLY B 113 3.97 -15.81 -29.59
N ALA B 114 3.85 -15.16 -28.43
CA ALA B 114 4.17 -15.78 -27.14
C ALA B 114 3.31 -17.02 -26.84
N THR B 115 2.04 -16.87 -27.12
CA THR B 115 0.99 -17.93 -27.13
C THR B 115 1.45 -19.24 -27.84
N ASP B 116 1.96 -19.11 -29.06
CA ASP B 116 2.45 -20.22 -29.82
C ASP B 116 3.75 -20.76 -29.23
N ALA B 117 4.62 -19.86 -28.72
CA ALA B 117 5.77 -20.31 -27.90
C ALA B 117 5.33 -21.24 -26.74
N LEU B 118 4.34 -20.85 -25.97
CA LEU B 118 3.74 -21.74 -24.93
C LEU B 118 3.12 -22.99 -25.47
N ALA B 119 2.40 -22.85 -26.60
CA ALA B 119 1.76 -23.99 -27.27
C ALA B 119 2.72 -25.14 -27.62
N ASN B 120 3.83 -24.82 -28.25
CA ASN B 120 4.74 -25.89 -28.61
C ASN B 120 5.54 -26.46 -27.38
N MET B 121 5.44 -25.83 -26.20
CA MET B 121 5.94 -26.44 -24.97
C MET B 121 4.97 -27.47 -24.33
N GLY B 122 3.78 -27.59 -24.87
CA GLY B 122 2.72 -28.47 -24.35
C GLY B 122 1.88 -27.79 -23.24
N TYR B 123 2.26 -26.56 -22.90
CA TYR B 123 1.65 -25.79 -21.80
C TYR B 123 0.20 -25.45 -22.05
N LEU B 124 -0.21 -25.29 -23.31
CA LEU B 124 -1.64 -25.08 -23.67
C LEU B 124 -2.46 -26.35 -23.95
N ASP B 125 -1.84 -27.52 -23.75
CA ASP B 125 -2.56 -28.76 -24.00
C ASP B 125 -3.81 -28.87 -23.12
N THR B 126 -3.73 -28.40 -21.87
CA THR B 126 -4.80 -28.67 -20.91
C THR B 126 -5.39 -27.44 -20.24
N ARG B 127 -5.07 -26.27 -20.77
CA ARG B 127 -5.61 -25.02 -20.29
C ARG B 127 -6.33 -24.34 -21.42
N LYS B 128 -7.36 -23.60 -21.05
CA LYS B 128 -8.18 -22.81 -21.98
C LYS B 128 -7.32 -21.63 -22.46
N HIS B 129 -7.31 -21.39 -23.78
CA HIS B 129 -6.39 -20.42 -24.35
C HIS B 129 -6.95 -19.90 -25.67
N THR B 130 -6.30 -18.85 -26.17
CA THR B 130 -6.46 -18.40 -27.56
C THR B 130 -5.05 -18.04 -28.08
N SER B 131 -5.02 -17.70 -29.39
CA SER B 131 -3.82 -17.36 -30.19
C SER B 131 -4.28 -16.48 -31.34
N ASN B 132 -3.34 -16.03 -32.17
CA ASN B 132 -3.76 -15.24 -33.35
C ASN B 132 -4.67 -16.07 -34.27
N ASN B 133 -4.25 -17.27 -34.64
CA ASN B 133 -5.03 -18.13 -35.52
C ASN B 133 -4.78 -19.57 -35.15
N LEU B 134 -5.84 -20.34 -34.95
CA LEU B 134 -5.70 -21.74 -34.61
C LEU B 134 -5.00 -22.56 -35.68
N GLU B 135 -5.32 -22.38 -36.95
CA GLU B 135 -4.71 -23.24 -37.96
C GLU B 135 -3.20 -22.99 -38.07
N TYR B 136 -2.85 -21.73 -37.88
CA TYR B 136 -1.49 -21.36 -37.89
C TYR B 136 -0.69 -21.87 -36.66
N THR B 137 -1.29 -21.79 -35.48
CA THR B 137 -0.74 -22.40 -34.31
C THR B 137 -0.42 -23.89 -34.47
N LYS B 138 -1.40 -24.66 -34.92
CA LYS B 138 -1.18 -26.03 -35.15
C LYS B 138 -0.07 -26.32 -36.20
N MET B 139 -0.04 -25.55 -37.28
CA MET B 139 1.03 -25.73 -38.27
C MET B 139 2.45 -25.49 -37.64
N VAL B 140 2.56 -24.34 -37.04
CA VAL B 140 3.76 -23.82 -36.43
C VAL B 140 4.14 -24.56 -35.08
N CYS B 141 3.17 -25.23 -34.45
CA CYS B 141 3.41 -26.01 -33.24
C CYS B 141 3.05 -27.51 -33.36
N PRO B 142 4.02 -28.36 -33.73
CA PRO B 142 3.85 -29.84 -33.82
C PRO B 142 3.46 -30.56 -32.50
N ASN B 143 4.12 -30.10 -31.44
CA ASN B 143 3.88 -30.49 -30.05
C ASN B 143 2.68 -29.89 -29.34
N TYR B 144 1.90 -29.11 -30.05
CA TYR B 144 0.68 -28.53 -29.50
C TYR B 144 -0.46 -29.54 -29.61
N LYS B 145 -1.10 -29.85 -28.52
CA LYS B 145 -2.20 -30.78 -28.57
C LYS B 145 -3.42 -30.26 -27.84
N GLY B 146 -3.51 -28.94 -27.73
CA GLY B 146 -4.52 -28.26 -26.94
C GLY B 146 -5.69 -27.73 -27.72
N GLU B 147 -5.90 -28.21 -28.93
CA GLU B 147 -6.98 -27.72 -29.78
C GLU B 147 -8.39 -27.69 -29.16
N LYS B 148 -8.69 -28.69 -28.33
CA LYS B 148 -9.99 -28.80 -27.60
C LYS B 148 -10.23 -27.59 -26.65
N PHE B 149 -9.13 -27.00 -26.17
CA PHE B 149 -9.09 -25.88 -25.23
C PHE B 149 -8.93 -24.51 -25.86
N TYR B 150 -8.90 -24.49 -27.20
CA TYR B 150 -8.87 -23.25 -27.98
C TYR B 150 -10.23 -22.50 -28.04
N GLU B 151 -10.17 -21.20 -27.82
CA GLU B 151 -11.31 -20.33 -27.99
C GLU B 151 -10.94 -19.09 -28.80
N LEU B 152 -11.97 -18.49 -29.39
CA LEU B 152 -11.79 -17.35 -30.28
C LEU B 152 -11.34 -16.09 -29.58
N GLY B 153 -11.73 -15.88 -28.33
CA GLY B 153 -11.07 -14.86 -27.56
C GLY B 153 -11.69 -13.60 -27.96
N PRO B 154 -10.92 -12.55 -28.20
CA PRO B 154 -9.51 -12.51 -28.47
C PRO B 154 -8.62 -12.43 -27.23
N ALA B 155 -9.20 -12.25 -26.05
CA ALA B 155 -8.46 -12.49 -24.75
C ALA B 155 -9.13 -13.60 -23.96
N VAL B 156 -8.31 -14.46 -23.38
CA VAL B 156 -8.82 -15.64 -22.65
C VAL B 156 -8.11 -15.71 -21.29
N SER B 157 -8.89 -15.94 -20.25
CA SER B 157 -8.32 -16.04 -18.89
C SER B 157 -8.66 -17.37 -18.22
N ASP B 158 -7.68 -18.14 -17.79
CA ASP B 158 -7.93 -19.44 -17.13
C ASP B 158 -7.03 -19.74 -15.97
N ALA B 159 -7.59 -19.77 -14.77
CA ALA B 159 -6.77 -19.93 -13.58
C ALA B 159 -5.59 -18.98 -13.76
N ASN B 160 -4.34 -19.46 -13.87
CA ASN B 160 -3.15 -18.57 -13.82
C ASN B 160 -2.52 -18.21 -15.18
N LEU B 161 -3.34 -18.38 -16.24
CA LEU B 161 -2.96 -18.21 -17.65
C LEU B 161 -3.90 -17.22 -18.33
N VAL B 162 -3.32 -16.19 -18.93
CA VAL B 162 -4.05 -15.22 -19.67
C VAL B 162 -3.37 -15.24 -21.02
N THR B 163 -4.13 -15.47 -22.08
CA THR B 163 -3.62 -15.46 -23.45
C THR B 163 -4.46 -14.56 -24.32
N ALA B 164 -3.84 -13.90 -25.29
CA ALA B 164 -4.57 -13.14 -26.22
C ALA B 164 -3.85 -13.09 -27.54
N SER B 165 -4.61 -12.69 -28.57
CA SER B 165 -4.02 -12.36 -29.82
C SER B 165 -3.50 -10.94 -29.86
N GLY B 166 -2.58 -10.73 -30.78
CA GLY B 166 -1.80 -9.53 -30.90
C GLY B 166 -2.60 -8.29 -31.17
N ILE B 167 -3.70 -8.45 -31.85
CA ILE B 167 -4.53 -7.33 -32.17
C ILE B 167 -5.44 -6.85 -31.01
N ALA B 168 -5.35 -7.46 -29.83
CA ALA B 168 -6.26 -7.21 -28.71
C ALA B 168 -5.50 -6.89 -27.41
N PRO B 169 -4.54 -5.95 -27.45
CA PRO B 169 -3.82 -5.59 -26.21
C PRO B 169 -4.64 -4.96 -25.06
N LEU B 170 -5.82 -4.40 -25.36
CA LEU B 170 -6.59 -3.70 -24.37
C LEU B 170 -7.34 -4.78 -23.62
N GLU B 171 -7.93 -5.69 -24.37
CA GLU B 171 -8.57 -6.85 -23.76
C GLU B 171 -7.57 -7.70 -22.94
N PHE B 172 -6.37 -7.86 -23.43
CA PHE B 172 -5.29 -8.59 -22.72
C PHE B 172 -4.97 -7.86 -21.43
N ALA B 173 -4.91 -6.54 -21.48
CA ALA B 173 -4.57 -5.71 -20.35
C ALA B 173 -5.72 -5.79 -19.29
N MET B 174 -6.93 -5.68 -19.78
CA MET B 174 -8.10 -5.79 -18.98
C MET B 174 -8.08 -7.11 -18.19
N GLU B 175 -7.87 -8.25 -18.87
CA GLU B 175 -7.89 -9.56 -18.21
C GLU B 175 -6.78 -9.78 -17.20
N VAL B 176 -5.60 -9.23 -17.48
CA VAL B 176 -4.51 -9.34 -16.50
C VAL B 176 -4.81 -8.52 -15.25
N LEU B 177 -5.18 -7.27 -15.46
CA LEU B 177 -5.61 -6.38 -14.36
C LEU B 177 -6.74 -7.01 -13.53
N LYS B 178 -7.73 -7.52 -14.19
CA LYS B 178 -8.79 -8.17 -13.48
C LYS B 178 -8.26 -9.28 -12.62
N LYS B 179 -7.37 -10.07 -13.19
CA LYS B 179 -6.86 -11.28 -12.56
C LYS B 179 -6.06 -10.94 -11.28
N ILE B 180 -5.03 -10.10 -11.39
CA ILE B 180 -4.27 -9.64 -10.25
C ILE B 180 -5.00 -8.71 -9.27
N ASP B 181 -6.20 -8.22 -9.63
CA ASP B 181 -7.15 -7.66 -8.68
C ASP B 181 -6.72 -6.31 -8.15
N VAL B 182 -6.05 -5.56 -8.99
CA VAL B 182 -5.42 -4.30 -8.61
C VAL B 182 -6.32 -3.05 -8.78
N PHE B 183 -7.43 -3.15 -9.49
CA PHE B 183 -8.38 -2.04 -9.65
C PHE B 183 -9.68 -2.48 -9.02
N THR B 184 -10.53 -1.57 -8.58
CA THR B 184 -11.89 -2.02 -8.27
C THR B 184 -12.58 -2.36 -9.61
N LEU B 185 -13.64 -3.13 -9.52
CA LEU B 185 -14.40 -3.53 -10.71
C LEU B 185 -15.02 -2.37 -11.46
N ASP B 186 -15.41 -1.34 -10.75
CA ASP B 186 -15.90 -0.10 -11.35
C ASP B 186 -14.84 0.58 -12.17
N ALA B 187 -13.68 0.82 -11.56
CA ALA B 187 -12.59 1.51 -12.26
C ALA B 187 -12.17 0.68 -13.52
N LEU B 188 -12.21 -0.63 -13.40
CA LEU B 188 -11.77 -1.53 -14.45
C LEU B 188 -12.64 -1.48 -15.64
N HIS B 189 -13.93 -1.62 -15.42
CA HIS B 189 -14.92 -1.47 -16.49
C HIS B 189 -14.97 -0.09 -17.15
N SER B 190 -14.90 0.98 -16.39
CA SER B 190 -14.89 2.26 -17.03
C SER B 190 -13.57 2.55 -17.63
N TRP B 191 -12.50 1.96 -17.15
CA TRP B 191 -11.18 2.11 -17.83
C TRP B 191 -11.18 1.46 -19.23
N TYR B 192 -11.76 0.27 -19.27
CA TYR B 192 -11.79 -0.52 -20.47
C TYR B 192 -12.66 0.19 -21.50
N ASN B 193 -13.88 0.53 -21.11
CA ASN B 193 -14.81 1.33 -21.92
C ASN B 193 -14.29 2.65 -22.33
N LEU B 194 -13.55 3.34 -21.50
CA LEU B 194 -13.00 4.62 -21.94
C LEU B 194 -12.07 4.38 -23.10
N ASN B 195 -11.18 3.44 -22.93
CA ASN B 195 -10.23 3.10 -23.96
C ASN B 195 -10.80 2.47 -25.26
N LYS B 196 -11.87 1.71 -25.14
CA LYS B 196 -12.49 1.00 -26.25
C LYS B 196 -13.38 1.86 -27.15
N THR B 197 -14.01 2.81 -26.52
CA THR B 197 -15.24 3.49 -26.97
C THR B 197 -14.94 4.98 -27.06
N HIS B 198 -14.03 5.47 -26.20
CA HIS B 198 -13.58 6.88 -26.16
C HIS B 198 -14.66 7.87 -25.67
N LYS B 199 -15.75 7.36 -25.13
CA LYS B 199 -16.81 8.21 -24.65
C LYS B 199 -16.40 8.74 -23.27
N PRO B 200 -16.48 10.08 -23.09
CA PRO B 200 -16.07 10.85 -21.90
C PRO B 200 -16.78 10.52 -20.61
N GLU B 201 -18.06 10.10 -20.68
CA GLU B 201 -18.77 9.63 -19.45
C GLU B 201 -17.88 8.65 -18.63
N TYR B 202 -17.13 7.79 -19.34
CA TYR B 202 -16.30 6.76 -18.74
C TYR B 202 -15.08 7.31 -18.06
N PHE B 203 -14.54 8.44 -18.53
CA PHE B 203 -13.47 9.16 -17.88
C PHE B 203 -13.90 9.69 -16.50
N PHE B 204 -15.04 10.38 -16.50
CA PHE B 204 -15.70 10.88 -15.30
C PHE B 204 -16.00 9.73 -14.32
N GLN B 205 -16.51 8.63 -14.84
CA GLN B 205 -16.64 7.44 -13.97
C GLN B 205 -15.31 6.94 -13.41
N LEU B 206 -14.26 6.90 -14.27
CA LEU B 206 -12.95 6.36 -13.81
C LEU B 206 -12.32 7.26 -12.75
N MET B 207 -12.35 8.58 -12.93
CA MET B 207 -11.76 9.54 -11.97
C MET B 207 -12.38 9.43 -10.56
N ASN B 208 -13.63 9.01 -10.51
CA ASN B 208 -14.38 8.91 -9.27
C ASN B 208 -14.56 7.53 -8.74
N SER B 209 -13.98 6.57 -9.46
CA SER B 209 -14.01 5.15 -9.06
C SER B 209 -12.71 4.72 -8.51
N ILE B 210 -11.62 5.37 -8.95
CA ILE B 210 -10.27 5.04 -8.54
C ILE B 210 -9.95 5.50 -7.10
N ASN B 211 -9.07 4.72 -6.47
CA ASN B 211 -8.52 5.04 -5.17
C ASN B 211 -9.58 4.93 -4.08
N LYS B 212 -10.49 3.95 -4.16
CA LYS B 212 -11.65 3.79 -3.26
C LYS B 212 -11.86 2.36 -2.70
N LYS C 6 13.27 10.82 -46.19
CA LYS C 6 12.26 10.67 -45.08
C LYS C 6 12.82 10.03 -43.76
N LYS C 7 12.67 10.73 -42.63
CA LYS C 7 12.98 10.13 -41.31
C LYS C 7 11.79 10.22 -40.37
N ALA C 8 11.86 9.44 -39.31
CA ALA C 8 10.82 9.37 -38.25
C ALA C 8 11.51 9.52 -36.91
N PHE C 9 11.19 10.57 -36.16
CA PHE C 9 11.82 10.79 -34.81
C PHE C 9 10.82 10.57 -33.69
N LEU C 10 11.18 9.85 -32.65
CA LEU C 10 10.32 9.72 -31.48
C LEU C 10 11.00 10.44 -30.30
N TYR C 11 10.44 11.57 -29.83
CA TYR C 11 10.91 12.20 -28.58
C TYR C 11 10.71 11.20 -27.44
N VAL C 12 11.81 10.86 -26.77
CA VAL C 12 11.78 9.97 -25.62
C VAL C 12 12.14 10.74 -24.32
N PHE C 13 11.47 10.36 -23.22
CA PHE C 13 11.50 11.14 -22.02
C PHE C 13 10.86 10.39 -20.87
N ASN C 14 11.33 10.65 -19.64
CA ASN C 14 10.83 9.90 -18.48
C ASN C 14 9.33 10.14 -18.39
N THR C 15 8.60 9.08 -18.03
CA THR C 15 7.14 9.23 -17.89
C THR C 15 6.39 8.93 -19.24
N MET C 16 7.10 8.79 -20.36
CA MET C 16 6.36 8.66 -21.64
C MET C 16 5.37 7.47 -21.55
N SER C 17 4.13 7.73 -22.01
CA SER C 17 3.02 6.77 -22.01
C SER C 17 3.12 5.76 -23.14
N ASP C 18 3.55 4.54 -22.78
CA ASP C 18 3.92 3.49 -23.69
C ASP C 18 2.83 3.11 -24.76
N TRP C 19 1.56 3.18 -24.34
CA TRP C 19 0.45 2.67 -25.18
C TRP C 19 0.10 3.58 -26.31
N GLU C 20 0.63 4.79 -26.25
CA GLU C 20 0.30 5.91 -27.07
C GLU C 20 0.97 5.94 -28.42
N TYR C 21 2.18 5.36 -28.49
CA TYR C 21 2.98 5.39 -29.72
C TYR C 21 3.28 3.97 -30.34
N GLY C 22 2.88 2.90 -29.66
CA GLY C 22 3.45 1.58 -29.89
C GLY C 22 3.03 1.06 -31.24
N TYR C 23 1.76 1.28 -31.58
CA TYR C 23 1.19 0.89 -32.88
C TYR C 23 2.02 1.57 -33.96
N LEU C 24 2.17 2.90 -33.86
CA LEU C 24 2.76 3.70 -34.92
C LEU C 24 4.22 3.36 -35.12
N ILE C 25 4.96 3.37 -34.05
CA ILE C 25 6.42 3.12 -34.23
C ILE C 25 6.71 1.74 -34.75
N ALA C 26 5.92 0.73 -34.37
CA ALA C 26 6.08 -0.66 -34.81
C ALA C 26 5.78 -0.83 -36.30
N GLU C 27 4.69 -0.21 -36.76
CA GLU C 27 4.39 -0.20 -38.17
C GLU C 27 5.39 0.53 -39.01
N LEU C 28 5.89 1.66 -38.50
CA LEU C 28 6.84 2.49 -39.24
C LEU C 28 8.20 1.83 -39.33
N ASN C 29 8.76 1.44 -38.21
CA ASN C 29 10.09 0.76 -38.18
C ASN C 29 10.20 -0.57 -38.87
N SER C 30 9.16 -1.40 -38.80
CA SER C 30 9.18 -2.68 -39.46
C SER C 30 8.90 -2.50 -40.95
N GLY C 31 8.03 -1.57 -41.25
CA GLY C 31 7.60 -1.40 -42.63
C GLY C 31 6.78 -2.54 -43.23
N ARG C 32 6.16 -3.35 -42.39
CA ARG C 32 5.62 -4.64 -42.84
C ARG C 32 4.38 -4.53 -43.76
N TYR C 33 3.63 -3.43 -43.66
CA TYR C 33 2.49 -3.27 -44.48
C TYR C 33 2.65 -2.08 -45.35
N PHE C 34 3.88 -1.63 -45.51
CA PHE C 34 4.18 -0.62 -46.50
C PHE C 34 4.04 -1.23 -47.93
N LYS C 35 3.43 -0.43 -48.82
CA LYS C 35 3.62 -0.49 -50.28
C LYS C 35 5.00 -1.03 -50.59
N LYS C 36 5.13 -1.97 -51.54
CA LYS C 36 6.37 -2.78 -51.70
C LYS C 36 7.59 -2.00 -52.18
N ASP C 37 7.34 -0.86 -52.78
CA ASP C 37 8.41 0.08 -53.11
C ASP C 37 9.12 0.80 -51.95
N LEU C 38 8.51 0.81 -50.76
CA LEU C 38 8.97 1.63 -49.66
C LEU C 38 9.81 0.81 -48.71
N ALA C 39 10.96 1.38 -48.34
CA ALA C 39 11.81 0.82 -47.30
C ALA C 39 11.16 1.19 -45.98
N PRO C 40 11.38 0.36 -44.93
CA PRO C 40 10.90 0.74 -43.62
C PRO C 40 11.36 2.16 -43.24
N LEU C 41 10.58 2.82 -42.39
CA LEU C 41 10.87 4.17 -41.92
C LEU C 41 11.45 4.07 -40.51
N LYS C 42 12.77 4.08 -40.41
CA LYS C 42 13.40 3.77 -39.13
C LYS C 42 13.13 4.86 -38.14
N VAL C 43 12.79 4.48 -36.93
CA VAL C 43 12.46 5.42 -35.88
C VAL C 43 13.75 5.69 -35.10
N ILE C 44 14.20 6.93 -35.25
CA ILE C 44 15.26 7.53 -34.44
C ILE C 44 14.66 8.10 -33.13
N THR C 45 15.01 7.52 -31.98
CA THR C 45 14.56 8.08 -30.70
C THR C 45 15.45 9.29 -30.33
N VAL C 46 14.85 10.46 -30.14
CA VAL C 46 15.58 11.63 -29.66
C VAL C 46 15.26 12.15 -28.23
N GLY C 47 16.29 12.10 -27.37
CA GLY C 47 16.22 12.71 -26.02
C GLY C 47 16.49 14.21 -25.99
N ALA C 48 16.29 14.82 -24.83
CA ALA C 48 16.68 16.22 -24.61
C ALA C 48 18.18 16.18 -24.42
N ASN C 49 18.62 15.16 -23.69
CA ASN C 49 20.01 14.78 -23.56
C ASN C 49 20.12 13.32 -23.98
N LYS C 50 21.29 12.68 -23.80
CA LYS C 50 21.48 11.28 -24.13
C LYS C 50 21.35 10.38 -22.90
N GLU C 51 20.63 10.85 -21.90
CA GLU C 51 20.49 10.03 -20.68
C GLU C 51 19.35 9.00 -20.92
N MET C 52 19.57 7.79 -20.45
CA MET C 52 18.59 6.72 -20.43
C MET C 52 17.34 7.12 -19.71
N ILE C 53 16.17 7.00 -20.36
CA ILE C 53 14.90 7.49 -19.75
C ILE C 53 14.13 6.26 -19.22
N THR C 54 13.04 6.49 -18.47
CA THR C 54 12.14 5.47 -17.92
C THR C 54 10.66 5.79 -18.32
N THR C 55 10.06 4.91 -19.14
CA THR C 55 8.69 5.07 -19.57
C THR C 55 7.74 4.95 -18.32
N MET C 56 6.48 5.35 -18.47
CA MET C 56 5.52 5.14 -17.44
C MET C 56 5.43 3.69 -17.03
N GLY C 57 5.60 2.78 -18.00
CA GLY C 57 5.55 1.37 -17.76
C GLY C 57 6.89 0.82 -17.27
N GLY C 58 7.92 1.66 -17.11
CA GLY C 58 9.16 1.26 -16.47
C GLY C 58 10.28 0.78 -17.38
N LEU C 59 10.15 0.97 -18.68
CA LEU C 59 11.16 0.53 -19.63
C LEU C 59 12.31 1.50 -19.66
N ARG C 60 13.53 0.97 -19.56
CA ARG C 60 14.72 1.84 -19.64
C ARG C 60 15.25 1.96 -21.03
N ILE C 61 15.21 3.16 -21.61
CA ILE C 61 15.50 3.41 -23.02
C ILE C 61 16.64 4.39 -23.21
N LYS C 62 17.71 3.93 -23.90
CA LYS C 62 18.84 4.75 -24.31
C LYS C 62 18.44 5.52 -25.55
N PRO C 63 18.32 6.84 -25.49
CA PRO C 63 18.10 7.62 -26.72
C PRO C 63 19.19 7.46 -27.83
N ASP C 64 18.77 7.33 -29.10
CA ASP C 64 19.72 7.25 -30.22
C ASP C 64 20.51 8.55 -30.36
N ILE C 65 19.80 9.69 -30.23
CA ILE C 65 20.42 10.97 -30.35
C ILE C 65 19.88 11.99 -29.33
N SER C 66 20.49 13.18 -29.31
CA SER C 66 20.04 14.30 -28.47
C SER C 66 19.41 15.34 -29.40
N LEU C 67 18.57 16.19 -28.83
CA LEU C 67 17.82 17.21 -29.58
C LEU C 67 18.69 18.10 -30.50
N ASP C 68 19.92 18.44 -30.10
CA ASP C 68 20.79 19.33 -30.92
C ASP C 68 21.44 18.61 -32.09
N GLU C 69 21.66 17.27 -31.95
CA GLU C 69 21.94 16.28 -33.04
C GLU C 69 20.80 16.07 -34.07
N CYS C 70 19.60 16.62 -33.82
CA CYS C 70 18.43 16.33 -34.65
C CYS C 70 18.11 17.53 -35.52
N THR C 71 17.93 17.29 -36.83
CA THR C 71 17.52 18.29 -37.83
C THR C 71 16.16 17.89 -38.37
N LEU C 72 15.21 18.81 -38.40
CA LEU C 72 13.86 18.48 -38.80
C LEU C 72 13.63 19.18 -40.12
N GLU C 73 14.04 18.48 -41.19
CA GLU C 73 13.74 18.91 -42.56
C GLU C 73 12.23 18.80 -42.74
N SER C 74 11.78 19.26 -43.89
CA SER C 74 10.40 19.15 -44.30
C SER C 74 9.96 17.70 -44.62
N LYS C 75 8.75 17.37 -44.16
CA LYS C 75 8.18 16.03 -44.28
C LYS C 75 9.02 14.89 -43.63
N ASP C 76 9.91 15.24 -42.70
CA ASP C 76 10.34 14.32 -41.66
C ASP C 76 9.13 14.20 -40.75
N LEU C 77 9.16 13.23 -39.83
CA LEU C 77 8.08 13.03 -38.92
C LEU C 77 8.67 13.08 -37.53
N LEU C 78 8.05 13.88 -36.67
CA LEU C 78 8.37 13.91 -35.26
C LEU C 78 7.14 13.51 -34.43
N ILE C 79 7.30 12.48 -33.62
CA ILE C 79 6.23 11.91 -32.81
C ILE C 79 6.43 12.41 -31.37
N LEU C 80 5.39 13.01 -30.78
CA LEU C 80 5.45 13.48 -29.41
C LEU C 80 4.41 12.76 -28.57
N PRO C 81 4.85 11.81 -27.73
CA PRO C 81 3.97 11.08 -26.82
C PRO C 81 3.41 11.86 -25.63
N GLY C 82 2.45 11.23 -24.94
CA GLY C 82 1.94 11.78 -23.67
C GLY C 82 2.91 11.35 -22.59
N GLY C 83 2.88 12.08 -21.46
CA GLY C 83 3.55 11.72 -20.20
C GLY C 83 3.07 12.71 -19.11
N THR C 84 3.48 12.50 -17.86
CA THR C 84 3.08 13.41 -16.76
C THR C 84 4.07 14.55 -16.45
N THR C 85 4.66 15.19 -17.48
CA THR C 85 5.84 16.04 -17.33
C THR C 85 5.91 17.22 -18.31
N TRP C 86 4.85 17.46 -19.06
CA TRP C 86 4.94 18.41 -20.16
C TRP C 86 4.99 19.92 -19.78
N SER C 87 4.66 20.23 -18.52
CA SER C 87 4.76 21.61 -17.93
C SER C 87 6.22 22.00 -17.68
N GLU C 88 6.99 20.97 -17.35
CA GLU C 88 8.37 21.08 -16.98
C GLU C 88 9.35 21.59 -18.03
N GLU C 89 10.47 21.96 -17.44
CA GLU C 89 11.53 22.78 -17.96
C GLU C 89 12.35 22.05 -19.02
N ILE C 90 12.62 20.78 -18.71
CA ILE C 90 13.41 19.91 -19.55
C ILE C 90 12.99 19.93 -21.02
N HIS C 91 11.69 20.16 -21.25
CA HIS C 91 11.00 20.08 -22.56
C HIS C 91 10.99 21.30 -23.40
N GLN C 92 11.33 22.43 -22.77
CA GLN C 92 11.15 23.75 -23.40
C GLN C 92 11.96 23.97 -24.71
N PRO C 93 13.22 23.49 -24.78
CA PRO C 93 13.99 23.49 -26.06
C PRO C 93 13.25 22.80 -27.24
N ILE C 94 12.77 21.55 -27.00
CA ILE C 94 11.99 20.80 -28.03
C ILE C 94 10.76 21.64 -28.47
N LEU C 95 9.98 22.14 -27.50
CA LEU C 95 8.81 22.98 -27.82
C LEU C 95 9.16 24.19 -28.70
N GLU C 96 10.39 24.69 -28.55
CA GLU C 96 10.90 25.83 -29.32
C GLU C 96 11.21 25.32 -30.71
N ARG C 97 12.05 24.29 -30.79
CA ARG C 97 12.33 23.61 -32.08
C ARG C 97 11.07 23.29 -32.91
N ILE C 98 9.98 22.93 -32.22
CA ILE C 98 8.76 22.43 -32.83
C ILE C 98 8.05 23.50 -33.61
N GLY C 99 8.19 24.73 -33.18
CA GLY C 99 7.47 25.81 -33.84
C GLY C 99 8.00 26.08 -35.21
N GLN C 100 9.31 25.95 -35.40
CA GLN C 100 9.86 26.16 -36.74
C GLN C 100 9.91 24.83 -37.54
N ALA C 101 9.87 23.67 -36.85
CA ALA C 101 9.69 22.41 -37.54
C ALA C 101 8.35 22.53 -38.26
N LEU C 102 7.33 22.98 -37.54
CA LEU C 102 5.99 23.18 -38.11
C LEU C 102 6.01 24.06 -39.32
N LYS C 103 6.80 25.15 -39.31
CA LYS C 103 6.72 26.21 -40.34
C LYS C 103 7.35 25.75 -41.61
N ILE C 104 8.43 24.99 -41.47
CA ILE C 104 9.17 24.40 -42.60
C ILE C 104 8.36 23.32 -43.40
N GLY C 105 7.55 22.53 -42.69
CA GLY C 105 6.75 21.47 -43.32
C GLY C 105 6.92 20.10 -42.70
N THR C 106 7.62 20.01 -41.56
CA THR C 106 7.83 18.71 -40.92
C THR C 106 6.54 18.23 -40.21
N ILE C 107 6.25 16.92 -40.29
CA ILE C 107 4.96 16.37 -39.83
C ILE C 107 5.06 16.18 -38.33
N VAL C 108 4.24 16.93 -37.60
CA VAL C 108 4.30 16.76 -36.17
C VAL C 108 3.03 16.13 -35.65
N ALA C 109 3.26 15.08 -34.87
CA ALA C 109 2.25 14.11 -34.45
C ALA C 109 2.27 14.14 -32.97
N ALA C 110 1.28 14.78 -32.37
CA ALA C 110 1.24 14.88 -30.87
C ALA C 110 0.02 14.17 -30.33
N ILE C 111 0.21 13.48 -29.22
CA ILE C 111 -0.87 12.75 -28.58
C ILE C 111 -0.92 13.15 -27.09
N CYS C 112 -2.13 13.18 -26.55
CA CYS C 112 -2.33 13.31 -25.09
C CYS C 112 -1.82 14.65 -24.49
N GLY C 113 -0.89 14.53 -23.55
CA GLY C 113 -0.21 15.65 -22.89
C GLY C 113 0.61 16.52 -23.80
N ALA C 114 1.04 16.00 -24.95
CA ALA C 114 1.88 16.76 -25.88
C ALA C 114 1.01 17.78 -26.62
N THR C 115 -0.23 17.38 -26.77
CA THR C 115 -1.26 18.22 -27.29
C THR C 115 -1.37 19.55 -26.48
N ASP C 116 -1.26 19.41 -25.16
CA ASP C 116 -1.37 20.52 -24.21
C ASP C 116 -0.11 21.39 -24.20
N ALA C 117 1.07 20.75 -24.23
CA ALA C 117 2.38 21.44 -24.44
C ALA C 117 2.29 22.38 -25.66
N LEU C 118 1.76 21.88 -26.75
CA LEU C 118 1.61 22.65 -27.96
C LEU C 118 0.61 23.72 -27.79
N ALA C 119 -0.51 23.40 -27.16
CA ALA C 119 -1.56 24.38 -26.89
C ALA C 119 -0.99 25.62 -26.10
N ASN C 120 -0.17 25.42 -25.10
CA ASN C 120 0.31 26.55 -24.30
C ASN C 120 1.36 27.38 -25.01
N MET C 121 1.96 26.78 -26.06
CA MET C 121 2.99 27.46 -26.82
C MET C 121 2.40 28.30 -27.92
N GLY C 122 1.09 28.30 -28.08
CA GLY C 122 0.43 29.06 -29.11
C GLY C 122 0.16 28.25 -30.37
N TYR C 123 0.79 27.08 -30.49
CA TYR C 123 0.78 26.38 -31.80
C TYR C 123 -0.60 26.01 -32.28
N LEU C 124 -1.54 25.77 -31.37
CA LEU C 124 -2.89 25.33 -31.71
C LEU C 124 -3.89 26.49 -31.87
N ASP C 125 -3.41 27.74 -31.79
CA ASP C 125 -4.31 28.90 -31.82
C ASP C 125 -5.07 29.01 -33.13
N THR C 126 -4.40 28.78 -34.27
CA THR C 126 -5.04 28.94 -35.60
C THR C 126 -5.33 27.60 -36.35
N ARG C 127 -4.95 26.45 -35.79
CA ARG C 127 -5.11 25.12 -36.46
C ARG C 127 -6.16 24.22 -35.83
N LYS C 128 -6.89 23.46 -36.62
CA LYS C 128 -7.77 22.42 -36.13
C LYS C 128 -6.96 21.38 -35.38
N HIS C 129 -7.50 20.86 -34.29
CA HIS C 129 -6.74 20.11 -33.34
C HIS C 129 -7.70 19.49 -32.33
N THR C 130 -7.21 18.55 -31.57
CA THR C 130 -7.95 18.01 -30.45
C THR C 130 -6.95 17.87 -29.25
N SER C 131 -7.51 17.43 -28.13
CA SER C 131 -6.76 17.13 -26.91
C SER C 131 -7.53 16.13 -26.05
N ASN C 132 -6.99 15.80 -24.90
CA ASN C 132 -7.68 14.85 -24.05
C ASN C 132 -9.01 15.35 -23.68
N ASN C 133 -9.04 16.60 -23.19
CA ASN C 133 -10.23 17.28 -22.67
C ASN C 133 -10.05 18.78 -22.91
N LEU C 134 -11.02 19.42 -23.60
CA LEU C 134 -10.94 20.87 -23.89
C LEU C 134 -10.92 21.72 -22.62
N GLU C 135 -11.85 21.47 -21.71
CA GLU C 135 -11.87 22.21 -20.41
C GLU C 135 -10.60 22.02 -19.60
N TYR C 136 -10.07 20.81 -19.59
CA TYR C 136 -8.80 20.64 -18.95
C TYR C 136 -7.67 21.36 -19.67
N THR C 137 -7.70 21.44 -20.97
CA THR C 137 -6.59 22.07 -21.62
C THR C 137 -6.63 23.58 -21.44
N LYS C 138 -7.82 24.14 -21.35
CA LYS C 138 -7.98 25.56 -21.03
C LYS C 138 -7.49 25.90 -19.59
N MET C 139 -7.92 25.15 -18.59
CA MET C 139 -7.43 25.32 -17.19
C MET C 139 -5.90 25.18 -17.07
N VAL C 140 -5.30 24.26 -17.80
CA VAL C 140 -3.88 23.94 -17.59
C VAL C 140 -2.92 24.74 -18.50
N CYS C 141 -3.48 25.51 -19.44
CA CYS C 141 -2.74 26.16 -20.53
C CYS C 141 -3.21 27.61 -20.61
N PRO C 142 -2.61 28.52 -19.80
CA PRO C 142 -3.06 29.92 -19.83
C PRO C 142 -2.91 30.61 -21.18
N ASN C 143 -1.98 30.12 -22.03
CA ASN C 143 -1.58 30.82 -23.26
C ASN C 143 -2.35 30.35 -24.52
N TYR C 144 -3.29 29.41 -24.32
CA TYR C 144 -3.98 28.75 -25.43
C TYR C 144 -5.23 29.52 -25.82
N LYS C 145 -5.26 29.96 -27.09
CA LYS C 145 -6.34 30.79 -27.63
C LYS C 145 -6.98 30.11 -28.83
N GLY C 146 -6.91 28.77 -28.89
CA GLY C 146 -7.35 27.98 -30.05
C GLY C 146 -8.74 27.38 -30.00
N GLU C 147 -9.49 27.62 -28.94
CA GLU C 147 -10.72 26.89 -28.65
C GLU C 147 -11.72 26.68 -29.77
N LYS C 148 -11.85 27.65 -30.63
CA LYS C 148 -12.86 27.58 -31.65
C LYS C 148 -12.32 26.79 -32.81
N PHE C 149 -11.04 26.38 -32.71
CA PHE C 149 -10.42 25.33 -33.55
C PHE C 149 -10.42 23.90 -32.97
N TYR C 150 -10.88 23.75 -31.74
CA TYR C 150 -10.90 22.44 -31.10
C TYR C 150 -11.98 21.57 -31.76
N GLU C 151 -11.63 20.31 -32.00
CA GLU C 151 -12.57 19.32 -32.58
C GLU C 151 -12.68 18.15 -31.59
N LEU C 152 -13.86 17.55 -31.50
CA LEU C 152 -14.07 16.38 -30.61
C LEU C 152 -13.14 15.16 -30.91
N GLY C 153 -12.80 14.94 -32.17
CA GLY C 153 -11.74 13.96 -32.48
C GLY C 153 -12.22 12.52 -32.47
N PRO C 154 -11.43 11.61 -31.91
CA PRO C 154 -10.27 11.69 -31.01
C PRO C 154 -8.87 11.87 -31.66
N ALA C 155 -8.82 12.02 -32.98
CA ALA C 155 -7.58 12.25 -33.74
C ALA C 155 -7.97 13.26 -34.80
N VAL C 156 -7.13 14.27 -35.03
CA VAL C 156 -7.40 15.32 -36.02
C VAL C 156 -6.09 15.62 -36.72
N SER C 157 -6.18 15.94 -37.99
CA SER C 157 -5.09 15.98 -38.93
C SER C 157 -5.19 17.32 -39.62
N ASP C 158 -4.20 18.18 -39.49
CA ASP C 158 -4.31 19.48 -40.10
C ASP C 158 -3.01 19.92 -40.78
N ALA C 159 -3.02 20.05 -42.10
CA ALA C 159 -1.77 20.27 -42.84
C ALA C 159 -0.74 19.25 -42.29
N ASN C 160 0.45 19.72 -41.87
CA ASN C 160 1.47 18.84 -41.25
C ASN C 160 1.30 18.49 -39.76
N LEU C 161 0.13 18.78 -39.17
CA LEU C 161 -0.03 18.65 -37.73
C LEU C 161 -1.01 17.54 -37.48
N VAL C 162 -0.63 16.55 -36.70
CA VAL C 162 -1.57 15.52 -36.22
C VAL C 162 -1.64 15.58 -34.69
N THR C 163 -2.85 15.71 -34.14
CA THR C 163 -3.04 15.72 -32.67
C THR C 163 -4.05 14.65 -32.39
N ALA C 164 -4.00 14.06 -31.19
CA ALA C 164 -4.94 13.06 -30.78
C ALA C 164 -4.99 12.95 -29.29
N SER C 165 -6.11 12.44 -28.78
CA SER C 165 -6.31 12.15 -27.39
C SER C 165 -5.57 10.85 -27.02
N GLY C 166 -5.03 10.74 -25.82
CA GLY C 166 -4.21 9.58 -25.52
C GLY C 166 -4.96 8.26 -25.38
N ILE C 167 -6.29 8.29 -25.27
CA ILE C 167 -7.08 7.04 -25.27
C ILE C 167 -7.30 6.54 -26.71
N ALA C 168 -6.81 7.29 -27.70
CA ALA C 168 -7.01 6.99 -29.11
C ALA C 168 -5.69 6.74 -29.89
N PRO C 169 -4.84 5.81 -29.41
CA PRO C 169 -3.58 5.54 -30.13
C PRO C 169 -3.69 4.87 -31.53
N LEU C 170 -4.77 4.14 -31.78
CA LEU C 170 -5.01 3.51 -33.06
C LEU C 170 -5.41 4.54 -34.12
N GLU C 171 -6.35 5.42 -33.77
CA GLU C 171 -6.71 6.55 -34.61
C GLU C 171 -5.59 7.57 -34.95
N PHE C 172 -4.80 7.89 -33.98
CA PHE C 172 -3.58 8.66 -34.10
C PHE C 172 -2.67 7.97 -35.07
N ALA C 173 -2.31 6.69 -34.82
CA ALA C 173 -1.47 5.88 -35.75
C ALA C 173 -1.93 5.94 -37.19
N MET C 174 -3.22 5.77 -37.38
CA MET C 174 -3.86 5.82 -38.66
C MET C 174 -3.75 7.14 -39.35
N GLU C 175 -3.96 8.25 -38.64
CA GLU C 175 -3.85 9.56 -39.25
C GLU C 175 -2.43 9.87 -39.62
N VAL C 176 -1.49 9.47 -38.78
CA VAL C 176 -0.07 9.63 -39.14
C VAL C 176 0.33 8.80 -40.38
N LEU C 177 -0.13 7.57 -40.43
CA LEU C 177 0.19 6.68 -41.52
C LEU C 177 -0.46 7.27 -42.71
N LYS C 178 -1.70 7.70 -42.54
CA LYS C 178 -2.47 8.26 -43.67
C LYS C 178 -1.71 9.44 -44.27
N LYS C 179 -1.22 10.29 -43.40
CA LYS C 179 -0.49 11.47 -43.78
C LYS C 179 0.85 11.22 -44.51
N ILE C 180 1.69 10.35 -43.99
CA ILE C 180 2.96 10.02 -44.63
C ILE C 180 2.82 9.03 -45.80
N ASP C 181 1.61 8.54 -46.04
CA ASP C 181 1.25 7.86 -47.28
C ASP C 181 2.05 6.60 -47.57
N VAL C 182 2.16 5.73 -46.58
CA VAL C 182 3.18 4.68 -46.59
C VAL C 182 2.50 3.30 -46.86
N PHE C 183 1.18 3.23 -46.63
CA PHE C 183 0.31 2.06 -46.90
C PHE C 183 -0.59 2.49 -48.07
N THR C 184 -1.05 1.59 -48.94
CA THR C 184 -2.20 1.90 -49.78
C THR C 184 -3.38 2.32 -48.86
N LEU C 185 -4.41 2.94 -49.42
CA LEU C 185 -5.55 3.42 -48.65
C LEU C 185 -6.41 2.23 -48.17
N ASP C 186 -6.55 1.25 -49.03
CA ASP C 186 -7.13 -0.03 -48.64
C ASP C 186 -6.40 -0.78 -47.51
N ALA C 187 -5.07 -0.88 -47.58
CA ALA C 187 -4.28 -1.51 -46.51
C ALA C 187 -4.57 -0.77 -45.20
N LEU C 188 -4.53 0.56 -45.24
CA LEU C 188 -4.75 1.37 -44.06
C LEU C 188 -6.14 1.16 -43.51
N HIS C 189 -7.13 1.09 -44.39
CA HIS C 189 -8.51 0.88 -43.90
C HIS C 189 -8.66 -0.49 -43.25
N SER C 190 -8.05 -1.50 -43.85
CA SER C 190 -8.15 -2.87 -43.38
C SER C 190 -7.46 -3.04 -42.07
N TRP C 191 -6.27 -2.45 -42.00
CA TRP C 191 -5.48 -2.40 -40.76
C TRP C 191 -6.23 -1.83 -39.59
N TYR C 192 -6.83 -0.67 -39.80
CA TYR C 192 -7.52 0.01 -38.76
C TYR C 192 -8.67 -0.82 -38.27
N ASN C 193 -9.41 -1.37 -39.21
CA ASN C 193 -10.58 -2.15 -38.90
C ASN C 193 -10.27 -3.43 -38.23
N LEU C 194 -9.17 -4.09 -38.59
CA LEU C 194 -8.72 -5.31 -37.88
C LEU C 194 -8.48 -5.00 -36.41
N ASN C 195 -7.71 -3.94 -36.17
CA ASN C 195 -7.28 -3.59 -34.87
C ASN C 195 -8.44 -3.13 -34.07
N LYS C 196 -9.40 -2.44 -34.67
CA LYS C 196 -10.54 -1.82 -33.95
C LYS C 196 -11.57 -2.89 -33.60
N THR C 197 -11.72 -3.84 -34.51
CA THR C 197 -12.89 -4.70 -34.65
C THR C 197 -12.58 -6.19 -34.23
N HIS C 198 -11.34 -6.59 -34.47
CA HIS C 198 -10.82 -7.90 -34.22
C HIS C 198 -11.33 -8.93 -35.22
N LYS C 199 -11.90 -8.49 -36.32
CA LYS C 199 -12.54 -9.35 -37.34
C LYS C 199 -11.51 -9.92 -38.29
N PRO C 200 -11.40 -11.25 -38.35
CA PRO C 200 -10.28 -11.80 -39.05
C PRO C 200 -10.23 -11.43 -40.48
N GLU C 201 -11.38 -11.27 -41.10
CA GLU C 201 -11.41 -10.99 -42.55
C GLU C 201 -10.66 -9.74 -42.98
N TYR C 202 -10.53 -8.78 -42.06
CA TYR C 202 -9.71 -7.61 -42.29
C TYR C 202 -8.23 -7.87 -42.42
N PHE C 203 -7.77 -8.93 -41.75
CA PHE C 203 -6.41 -9.38 -41.90
C PHE C 203 -6.12 -9.80 -43.31
N PHE C 204 -7.00 -10.64 -43.82
CA PHE C 204 -6.86 -11.21 -45.16
C PHE C 204 -6.93 -10.09 -46.20
N GLN C 205 -7.93 -9.23 -46.05
CA GLN C 205 -8.05 -8.06 -46.86
C GLN C 205 -6.85 -7.10 -46.82
N LEU C 206 -6.26 -6.88 -45.63
CA LEU C 206 -4.91 -6.26 -45.46
C LEU C 206 -3.85 -6.95 -46.27
N MET C 207 -3.69 -8.26 -46.10
CA MET C 207 -2.64 -8.99 -46.82
C MET C 207 -2.88 -8.97 -48.36
N ASN C 208 -4.13 -8.78 -48.79
CA ASN C 208 -4.40 -8.71 -50.24
C ASN C 208 -4.23 -7.31 -50.76
N SER C 209 -4.04 -6.33 -49.88
CA SER C 209 -4.03 -4.90 -50.26
C SER C 209 -2.71 -4.19 -50.12
N ILE C 210 -1.66 -4.87 -49.68
CA ILE C 210 -0.41 -4.22 -49.30
C ILE C 210 0.12 -3.39 -50.46
N ASN C 211 -0.06 -3.86 -51.71
CA ASN C 211 0.54 -3.24 -52.92
C ASN C 211 -0.38 -2.80 -54.13
N GLN D 4 -41.22 27.38 11.25
CA GLN D 4 -39.98 27.57 12.09
C GLN D 4 -39.41 26.20 12.56
N THR D 5 -38.19 25.87 12.12
CA THR D 5 -37.51 24.60 12.47
C THR D 5 -37.21 24.44 13.95
N LYS D 6 -37.59 23.29 14.51
CA LYS D 6 -37.52 23.07 15.97
C LYS D 6 -36.42 22.09 16.36
N LYS D 7 -36.13 21.08 15.54
CA LYS D 7 -34.98 20.19 15.82
C LYS D 7 -34.05 20.07 14.63
N ALA D 8 -32.79 19.78 14.90
CA ALA D 8 -31.79 19.54 13.88
C ALA D 8 -31.13 18.24 14.25
N PHE D 9 -31.15 17.33 13.29
CA PHE D 9 -30.51 16.01 13.42
C PHE D 9 -29.31 15.88 12.52
N LEU D 10 -28.22 15.34 13.04
CA LEU D 10 -27.12 14.94 12.18
C LEU D 10 -27.01 13.44 12.26
N TYR D 11 -27.21 12.79 11.15
CA TYR D 11 -26.89 11.34 11.05
C TYR D 11 -25.40 11.07 11.15
N VAL D 12 -25.03 10.30 12.17
CA VAL D 12 -23.62 9.94 12.46
C VAL D 12 -23.35 8.45 12.19
N PHE D 13 -22.26 8.17 11.46
CA PHE D 13 -21.86 6.81 10.98
C PHE D 13 -20.38 6.73 10.78
N ASN D 14 -19.84 5.51 10.88
CA ASN D 14 -18.43 5.30 10.70
C ASN D 14 -18.08 5.83 9.35
N THR D 15 -17.02 6.63 9.27
CA THR D 15 -16.48 7.11 8.02
C THR D 15 -17.04 8.50 7.63
N MET D 16 -17.95 9.09 8.44
CA MET D 16 -18.54 10.39 7.99
C MET D 16 -17.43 11.40 7.77
N SER D 17 -17.57 12.11 6.68
CA SER D 17 -16.60 13.14 6.24
C SER D 17 -16.72 14.47 7.06
N ASP D 18 -15.70 14.77 7.87
CA ASP D 18 -15.69 15.85 8.86
C ASP D 18 -15.81 17.25 8.29
N TRP D 19 -15.26 17.45 7.10
CA TRP D 19 -15.21 18.78 6.57
C TRP D 19 -16.57 19.17 6.03
N GLU D 20 -17.50 18.22 5.93
CA GLU D 20 -18.70 18.43 5.10
C GLU D 20 -19.84 19.05 5.94
N TYR D 21 -19.84 18.80 7.24
CA TYR D 21 -20.92 19.27 8.16
C TYR D 21 -20.47 20.27 9.19
N GLY D 22 -19.18 20.59 9.25
CA GLY D 22 -18.62 21.37 10.35
C GLY D 22 -19.11 22.81 10.53
N TYR D 23 -19.10 23.57 9.45
CA TYR D 23 -19.72 24.89 9.35
C TYR D 23 -21.20 24.87 9.74
N LEU D 24 -21.95 23.96 9.13
CA LEU D 24 -23.39 23.97 9.36
C LEU D 24 -23.73 23.70 10.81
N ILE D 25 -23.21 22.61 11.36
CA ILE D 25 -23.58 22.22 12.71
C ILE D 25 -23.12 23.19 13.84
N ALA D 26 -21.96 23.83 13.62
CA ALA D 26 -21.39 24.78 14.56
C ALA D 26 -22.23 26.04 14.59
N GLU D 27 -22.72 26.46 13.46
CA GLU D 27 -23.51 27.72 13.44
C GLU D 27 -24.92 27.52 14.05
N LEU D 28 -25.48 26.35 13.78
CA LEU D 28 -26.76 25.93 14.28
C LEU D 28 -26.73 25.69 15.77
N ASN D 29 -25.84 24.81 16.19
CA ASN D 29 -25.80 24.46 17.61
C ASN D 29 -25.41 25.68 18.51
N SER D 30 -24.55 26.57 18.04
CA SER D 30 -24.24 27.77 18.82
C SER D 30 -25.29 28.90 18.75
N GLY D 31 -25.95 29.05 17.61
CA GLY D 31 -26.85 30.11 17.36
C GLY D 31 -26.17 31.45 17.33
N ARG D 32 -24.85 31.48 17.34
CA ARG D 32 -24.19 32.78 17.54
C ARG D 32 -24.53 33.88 16.54
N TYR D 33 -24.91 33.56 15.31
CA TYR D 33 -25.20 34.57 14.33
C TYR D 33 -26.65 34.55 13.90
N PHE D 34 -27.51 33.86 14.67
CA PHE D 34 -28.93 33.89 14.48
C PHE D 34 -29.44 35.28 14.57
N LYS D 35 -30.62 35.47 14.01
CA LYS D 35 -31.36 36.74 14.08
C LYS D 35 -31.89 36.89 15.46
N LYS D 36 -32.47 38.07 15.72
CA LYS D 36 -32.89 38.43 17.06
C LYS D 36 -33.95 37.48 17.60
N ASP D 37 -33.98 37.33 18.92
CA ASP D 37 -34.95 36.46 19.59
C ASP D 37 -35.03 35.02 19.12
N LEU D 38 -34.00 34.53 18.46
CA LEU D 38 -33.93 33.14 18.06
C LEU D 38 -32.78 32.43 18.82
N ALA D 39 -33.18 31.47 19.64
CA ALA D 39 -32.29 30.54 20.37
C ALA D 39 -31.57 29.50 19.42
N PRO D 40 -30.40 28.96 19.86
CA PRO D 40 -29.66 27.97 19.08
C PRO D 40 -30.53 26.83 18.59
N LEU D 41 -30.24 26.28 17.41
CA LEU D 41 -30.92 25.08 16.96
C LEU D 41 -30.05 23.93 17.36
N LYS D 42 -30.36 23.30 18.51
CA LYS D 42 -29.55 22.18 19.05
C LYS D 42 -29.50 21.03 18.06
N VAL D 43 -28.28 20.59 17.75
CA VAL D 43 -28.00 19.48 16.85
C VAL D 43 -27.96 18.20 17.71
N ILE D 44 -28.91 17.31 17.43
CA ILE D 44 -28.95 15.94 18.00
C ILE D 44 -28.32 14.93 17.06
N THR D 45 -27.24 14.29 17.48
CA THR D 45 -26.63 13.28 16.63
C THR D 45 -27.49 11.98 16.66
N VAL D 46 -27.81 11.43 15.48
CA VAL D 46 -28.57 10.16 15.40
C VAL D 46 -27.80 9.08 14.64
N GLY D 47 -27.64 7.92 15.27
CA GLY D 47 -26.86 6.82 14.75
C GLY D 47 -27.81 5.80 14.24
N ALA D 48 -27.31 4.86 13.44
CA ALA D 48 -28.11 3.68 13.03
C ALA D 48 -28.51 2.93 14.29
N ASN D 49 -27.62 2.98 15.29
CA ASN D 49 -27.81 2.46 16.60
C ASN D 49 -26.88 3.26 17.55
N LYS D 50 -26.82 2.88 18.84
CA LYS D 50 -26.18 3.68 19.90
C LYS D 50 -24.69 3.50 19.99
N GLU D 51 -24.16 2.61 19.14
CA GLU D 51 -22.73 2.35 19.01
C GLU D 51 -22.00 3.63 18.61
N MET D 52 -20.86 3.83 19.25
CA MET D 52 -19.89 4.82 18.86
C MET D 52 -19.42 4.58 17.46
N ILE D 53 -19.24 5.70 16.77
CA ILE D 53 -18.82 5.78 15.37
C ILE D 53 -17.51 6.53 15.39
N THR D 54 -16.74 6.38 14.33
CA THR D 54 -15.44 7.00 14.15
C THR D 54 -15.51 7.80 12.79
N THR D 55 -15.26 9.09 12.83
CA THR D 55 -15.33 9.87 11.58
C THR D 55 -14.20 9.47 10.67
N MET D 56 -14.24 9.84 9.38
CA MET D 56 -13.05 9.77 8.51
C MET D 56 -11.82 10.40 9.10
N GLY D 57 -11.97 11.49 9.88
CA GLY D 57 -10.90 12.13 10.54
C GLY D 57 -10.49 11.43 11.82
N GLY D 58 -11.22 10.41 12.24
CA GLY D 58 -10.78 9.58 13.37
C GLY D 58 -11.40 9.95 14.67
N LEU D 59 -12.44 10.80 14.67
CA LEU D 59 -13.04 11.24 15.91
C LEU D 59 -14.05 10.21 16.38
N ARG D 60 -13.94 9.69 17.60
CA ARG D 60 -14.93 8.72 18.13
C ARG D 60 -16.10 9.44 18.80
N ILE D 61 -17.28 9.28 18.23
CA ILE D 61 -18.43 10.03 18.66
C ILE D 61 -19.53 9.12 19.20
N LYS D 62 -20.19 9.58 20.24
CA LYS D 62 -21.25 8.84 20.89
C LYS D 62 -22.54 9.40 20.38
N PRO D 63 -23.31 8.61 19.60
CA PRO D 63 -24.59 9.12 19.13
C PRO D 63 -25.50 9.44 20.31
N ASP D 64 -26.21 10.55 20.18
CA ASP D 64 -27.21 10.98 21.16
C ASP D 64 -28.35 10.00 21.24
N ILE D 65 -28.91 9.64 20.10
CA ILE D 65 -29.98 8.72 20.02
C ILE D 65 -29.78 7.78 18.81
N SER D 66 -30.63 6.76 18.75
CA SER D 66 -30.59 5.76 17.72
C SER D 66 -31.68 6.08 16.76
N LEU D 67 -31.61 5.60 15.54
CA LEU D 67 -32.65 5.94 14.55
C LEU D 67 -34.05 5.68 15.10
N ASP D 68 -34.25 4.56 15.78
CA ASP D 68 -35.54 4.23 16.42
C ASP D 68 -36.12 5.34 17.28
N GLU D 69 -35.30 5.83 18.21
CA GLU D 69 -35.64 6.91 19.14
C GLU D 69 -35.97 8.26 18.48
N CYS D 70 -35.87 8.37 17.16
CA CYS D 70 -35.92 9.66 16.47
C CYS D 70 -37.20 9.83 15.74
N THR D 71 -37.78 11.01 15.81
CA THR D 71 -39.01 11.36 15.07
C THR D 71 -38.70 12.52 14.16
N LEU D 72 -39.04 12.38 12.88
CA LEU D 72 -38.82 13.42 11.89
C LEU D 72 -40.17 14.03 11.58
N GLU D 73 -40.24 15.35 11.61
CA GLU D 73 -41.50 16.09 11.63
C GLU D 73 -41.40 17.23 10.66
N SER D 74 -42.55 17.81 10.29
CA SER D 74 -42.56 18.82 9.25
C SER D 74 -41.61 19.85 9.79
N LYS D 75 -40.79 20.38 8.91
CA LYS D 75 -39.80 21.40 9.25
C LYS D 75 -38.65 21.05 10.25
N ASP D 76 -38.50 19.77 10.69
CA ASP D 76 -37.28 19.37 11.42
C ASP D 76 -36.17 19.50 10.39
N LEU D 77 -34.93 19.47 10.83
CA LEU D 77 -33.76 19.42 9.91
C LEU D 77 -33.03 18.11 10.10
N LEU D 78 -32.81 17.41 8.98
CA LEU D 78 -31.94 16.21 8.94
C LEU D 78 -30.74 16.38 8.02
N ILE D 79 -29.53 16.45 8.62
CA ILE D 79 -28.25 16.53 7.89
C ILE D 79 -27.66 15.09 7.55
N LEU D 80 -27.43 14.87 6.26
CA LEU D 80 -26.73 13.66 5.85
C LEU D 80 -25.37 13.99 5.23
N PRO D 81 -24.29 13.70 5.98
CA PRO D 81 -22.94 13.85 5.48
C PRO D 81 -22.52 12.73 4.52
N GLY D 82 -21.51 13.02 3.69
CA GLY D 82 -20.76 12.03 2.99
C GLY D 82 -20.02 11.07 3.87
N GLY D 83 -19.59 10.00 3.21
CA GLY D 83 -18.70 8.98 3.76
C GLY D 83 -18.64 7.85 2.74
N THR D 84 -17.89 6.80 3.07
CA THR D 84 -17.43 5.83 2.05
C THR D 84 -18.25 4.52 2.09
N THR D 85 -19.39 4.57 2.74
CA THR D 85 -20.05 3.41 3.28
C THR D 85 -21.58 3.40 2.94
N TRP D 86 -22.01 4.35 2.12
CA TRP D 86 -23.41 4.60 1.95
C TRP D 86 -24.20 3.50 1.19
N SER D 87 -23.49 2.65 0.47
CA SER D 87 -24.15 1.50 -0.22
C SER D 87 -24.42 0.39 0.77
N GLU D 88 -23.62 0.34 1.83
CA GLU D 88 -23.75 -0.68 2.86
C GLU D 88 -25.14 -0.59 3.39
N GLU D 89 -25.58 -1.66 3.98
CA GLU D 89 -27.02 -1.89 4.10
C GLU D 89 -27.50 -1.53 5.51
N ILE D 90 -26.52 -1.35 6.42
CA ILE D 90 -26.67 -0.56 7.66
C ILE D 90 -27.48 0.79 7.50
N HIS D 91 -27.44 1.42 6.33
CA HIS D 91 -28.10 2.72 6.07
C HIS D 91 -29.48 2.66 5.51
N GLN D 92 -29.90 1.45 5.15
CA GLN D 92 -31.23 1.21 4.56
C GLN D 92 -32.40 1.66 5.43
N PRO D 93 -32.35 1.35 6.71
CA PRO D 93 -33.46 1.86 7.51
C PRO D 93 -33.61 3.41 7.48
N ILE D 94 -32.53 4.18 7.67
CA ILE D 94 -32.66 5.64 7.57
C ILE D 94 -33.07 6.07 6.19
N LEU D 95 -32.65 5.33 5.18
CA LEU D 95 -32.90 5.72 3.80
C LEU D 95 -34.38 5.51 3.50
N GLU D 96 -35.04 4.60 4.22
CA GLU D 96 -36.47 4.35 4.04
C GLU D 96 -37.25 5.46 4.68
N ARG D 97 -36.83 5.79 5.90
CA ARG D 97 -37.40 6.85 6.75
C ARG D 97 -37.28 8.18 6.13
N ILE D 98 -36.28 8.37 5.29
CA ILE D 98 -36.02 9.66 4.65
C ILE D 98 -37.12 9.92 3.65
N GLY D 99 -37.64 8.83 3.08
CA GLY D 99 -38.71 8.90 2.13
C GLY D 99 -39.93 9.49 2.75
N GLN D 100 -40.24 9.04 3.97
CA GLN D 100 -41.42 9.51 4.74
C GLN D 100 -41.16 10.93 5.24
N ALA D 101 -39.98 11.13 5.86
CA ALA D 101 -39.57 12.45 6.29
C ALA D 101 -39.85 13.44 5.20
N LEU D 102 -39.45 13.15 3.97
CA LEU D 102 -39.55 14.14 2.91
C LEU D 102 -40.98 14.53 2.71
N LYS D 103 -41.90 13.54 2.81
CA LYS D 103 -43.40 13.70 2.74
C LYS D 103 -44.04 14.61 3.78
N ILE D 104 -43.80 14.35 5.08
CA ILE D 104 -44.28 15.23 6.13
C ILE D 104 -43.69 16.64 6.09
N GLY D 105 -42.59 16.79 5.38
CA GLY D 105 -42.00 18.13 5.11
C GLY D 105 -40.74 18.43 5.91
N THR D 106 -40.07 17.38 6.37
CA THR D 106 -38.81 17.61 7.07
C THR D 106 -37.75 18.03 6.05
N ILE D 107 -37.00 19.11 6.36
CA ILE D 107 -35.92 19.61 5.48
C ILE D 107 -34.79 18.56 5.54
N VAL D 108 -34.44 17.97 4.40
CA VAL D 108 -33.31 17.04 4.36
C VAL D 108 -32.17 17.63 3.56
N ALA D 109 -31.00 17.63 4.18
CA ALA D 109 -29.79 18.25 3.64
C ALA D 109 -28.78 17.12 3.50
N ALA D 110 -28.44 16.78 2.23
CA ALA D 110 -27.52 15.67 1.84
C ALA D 110 -26.31 16.22 1.14
N ILE D 111 -25.13 15.78 1.50
CA ILE D 111 -23.91 16.31 0.89
C ILE D 111 -23.13 15.07 0.44
N CYS D 112 -22.60 15.15 -0.76
CA CYS D 112 -21.56 14.28 -1.22
C CYS D 112 -22.11 12.88 -1.46
N GLY D 113 -21.54 11.83 -0.90
CA GLY D 113 -22.08 10.49 -1.15
C GLY D 113 -23.48 10.26 -0.59
N ALA D 114 -23.95 11.08 0.38
CA ALA D 114 -25.37 10.95 0.81
C ALA D 114 -26.37 11.26 -0.34
N THR D 115 -25.99 12.17 -1.19
CA THR D 115 -26.66 12.55 -2.44
C THR D 115 -26.92 11.36 -3.41
N ASP D 116 -25.89 10.53 -3.60
CA ASP D 116 -26.02 9.25 -4.25
C ASP D 116 -26.89 8.22 -3.48
N ALA D 117 -26.86 8.19 -2.15
CA ALA D 117 -27.85 7.31 -1.42
C ALA D 117 -29.30 7.63 -1.82
N LEU D 118 -29.60 8.92 -1.86
CA LEU D 118 -30.90 9.43 -2.18
C LEU D 118 -31.24 9.24 -3.64
N ALA D 119 -30.32 9.57 -4.51
CA ALA D 119 -30.47 9.32 -5.95
C ALA D 119 -30.87 7.85 -6.22
N ASN D 120 -30.21 6.91 -5.57
CA ASN D 120 -30.60 5.52 -5.75
C ASN D 120 -31.90 5.03 -5.11
N MET D 121 -32.62 5.87 -4.37
CA MET D 121 -33.91 5.46 -3.76
C MET D 121 -35.10 6.06 -4.53
N GLY D 122 -34.76 6.80 -5.59
CA GLY D 122 -35.73 7.44 -6.45
C GLY D 122 -36.00 8.87 -6.09
N TYR D 123 -35.45 9.32 -4.95
CA TYR D 123 -35.97 10.59 -4.36
C TYR D 123 -35.54 11.86 -5.11
N LEU D 124 -34.49 11.79 -5.93
CA LEU D 124 -34.04 12.95 -6.76
C LEU D 124 -34.61 12.93 -8.23
N ASP D 125 -35.53 12.00 -8.45
CA ASP D 125 -36.06 11.76 -9.79
C ASP D 125 -36.84 12.93 -10.23
N THR D 126 -37.47 13.67 -9.30
CA THR D 126 -38.27 14.84 -9.69
C THR D 126 -38.01 16.07 -8.80
N ARG D 127 -36.82 16.12 -8.19
CA ARG D 127 -36.38 17.34 -7.48
C ARG D 127 -35.09 17.90 -8.09
N LYS D 128 -34.93 19.22 -8.14
CA LYS D 128 -33.65 19.81 -8.54
C LYS D 128 -32.59 19.34 -7.53
N HIS D 129 -31.40 19.03 -8.04
CA HIS D 129 -30.36 18.49 -7.18
C HIS D 129 -29.03 18.58 -7.87
N THR D 130 -27.99 18.48 -7.08
CA THR D 130 -26.66 18.25 -7.58
C THR D 130 -26.01 17.03 -6.86
N SER D 131 -24.79 16.72 -7.23
CA SER D 131 -24.01 15.62 -6.63
C SER D 131 -22.57 15.93 -6.96
N ASN D 132 -21.66 15.09 -6.54
CA ASN D 132 -20.27 15.27 -6.92
C ASN D 132 -20.07 15.27 -8.42
N ASN D 133 -20.72 14.35 -9.11
CA ASN D 133 -20.53 14.19 -10.55
C ASN D 133 -21.71 13.40 -11.11
N LEU D 134 -22.38 13.96 -12.11
CA LEU D 134 -23.48 13.30 -12.78
C LEU D 134 -23.15 11.89 -13.32
N GLU D 135 -22.03 11.77 -14.05
CA GLU D 135 -21.66 10.47 -14.65
C GLU D 135 -21.42 9.39 -13.65
N TYR D 136 -20.79 9.76 -12.54
CA TYR D 136 -20.54 8.79 -11.52
C TYR D 136 -21.86 8.44 -10.84
N THR D 137 -22.75 9.42 -10.63
CA THR D 137 -24.00 9.15 -9.96
C THR D 137 -24.81 8.18 -10.82
N LYS D 138 -24.87 8.39 -12.13
CA LYS D 138 -25.60 7.48 -12.99
C LYS D 138 -25.00 6.06 -12.93
N MET D 139 -23.67 5.92 -13.06
CA MET D 139 -23.06 4.57 -13.01
C MET D 139 -23.43 3.90 -11.74
N VAL D 140 -23.43 4.65 -10.61
CA VAL D 140 -23.41 4.05 -9.27
C VAL D 140 -24.84 3.88 -8.70
N CYS D 141 -25.80 4.51 -9.41
CA CYS D 141 -27.22 4.51 -9.01
C CYS D 141 -28.17 4.01 -10.15
N PRO D 142 -28.34 2.68 -10.25
CA PRO D 142 -29.27 2.04 -11.20
C PRO D 142 -30.73 2.60 -11.22
N ASN D 143 -31.32 2.84 -10.03
CA ASN D 143 -32.71 3.30 -9.95
C ASN D 143 -32.88 4.85 -9.94
N TYR D 144 -31.85 5.55 -10.47
CA TYR D 144 -31.84 7.01 -10.58
C TYR D 144 -32.37 7.44 -11.91
N LYS D 145 -33.39 8.27 -11.93
CA LYS D 145 -34.01 8.73 -13.19
C LYS D 145 -34.15 10.27 -13.25
N GLY D 146 -33.29 10.94 -12.50
CA GLY D 146 -33.42 12.38 -12.27
C GLY D 146 -32.47 13.20 -13.08
N GLU D 147 -31.84 12.64 -14.10
CA GLU D 147 -30.83 13.40 -14.85
C GLU D 147 -31.25 14.75 -15.37
N LYS D 148 -32.53 14.87 -15.69
CA LYS D 148 -33.11 16.09 -16.25
C LYS D 148 -33.04 17.25 -15.21
N PHE D 149 -33.29 16.89 -13.95
CA PHE D 149 -33.34 17.74 -12.75
C PHE D 149 -32.02 18.14 -12.12
N TYR D 150 -30.95 17.51 -12.58
CA TYR D 150 -29.63 17.71 -12.16
C TYR D 150 -29.03 19.03 -12.62
N GLU D 151 -28.42 19.74 -11.67
CA GLU D 151 -27.72 21.00 -11.89
C GLU D 151 -26.28 20.96 -11.45
N LEU D 152 -25.50 21.97 -11.81
CA LEU D 152 -24.03 22.01 -11.54
C LEU D 152 -23.74 22.43 -10.12
N GLY D 153 -24.62 23.22 -9.52
CA GLY D 153 -24.50 23.51 -8.11
C GLY D 153 -23.33 24.39 -7.95
N PRO D 154 -22.41 24.09 -7.03
CA PRO D 154 -22.18 22.91 -6.20
C PRO D 154 -23.16 22.69 -5.01
N ALA D 155 -24.10 23.59 -4.78
CA ALA D 155 -25.22 23.43 -3.84
C ALA D 155 -26.51 23.91 -4.53
N VAL D 156 -27.58 23.15 -4.30
CA VAL D 156 -28.87 23.36 -4.96
C VAL D 156 -29.93 23.16 -3.88
N SER D 157 -30.96 24.01 -3.95
CA SER D 157 -32.09 23.98 -3.00
C SER D 157 -33.42 23.91 -3.74
N ASP D 158 -34.28 22.96 -3.32
CA ASP D 158 -35.60 22.68 -3.90
C ASP D 158 -36.61 22.28 -2.83
N ALA D 159 -37.56 23.18 -2.54
CA ALA D 159 -38.56 22.93 -1.52
C ALA D 159 -37.70 22.50 -0.32
N ASN D 160 -37.95 21.32 0.26
CA ASN D 160 -37.39 20.93 1.55
C ASN D 160 -36.20 19.95 1.42
N LEU D 161 -35.51 20.03 0.27
CA LEU D 161 -34.30 19.24 0.04
C LEU D 161 -33.16 20.17 -0.36
N VAL D 162 -32.01 19.99 0.29
CA VAL D 162 -30.77 20.65 -0.13
C VAL D 162 -29.76 19.52 -0.42
N THR D 163 -29.15 19.56 -1.60
CA THR D 163 -28.04 18.66 -1.98
C THR D 163 -26.79 19.51 -2.33
N ALA D 164 -25.63 18.91 -2.18
CA ALA D 164 -24.41 19.63 -2.50
C ALA D 164 -23.31 18.66 -2.83
N SER D 165 -22.34 19.15 -3.56
CA SER D 165 -21.06 18.49 -3.64
C SER D 165 -20.27 18.52 -2.32
N GLY D 166 -19.41 17.49 -2.09
CA GLY D 166 -18.51 17.38 -0.97
C GLY D 166 -17.45 18.44 -0.90
N ILE D 167 -17.11 19.02 -2.05
CA ILE D 167 -16.15 20.12 -2.03
C ILE D 167 -16.75 21.48 -1.67
N ALA D 168 -18.06 21.53 -1.45
CA ALA D 168 -18.77 22.79 -1.25
C ALA D 168 -19.52 22.82 0.10
N PRO D 169 -18.79 22.62 1.24
CA PRO D 169 -19.47 22.71 2.55
C PRO D 169 -20.03 24.08 2.98
N LEU D 170 -19.40 25.18 2.55
CA LEU D 170 -19.87 26.55 2.90
C LEU D 170 -21.13 26.86 2.19
N GLU D 171 -21.14 26.54 0.89
CA GLU D 171 -22.32 26.68 0.05
C GLU D 171 -23.49 25.80 0.58
N PHE D 172 -23.17 24.55 0.88
CA PHE D 172 -24.09 23.62 1.55
C PHE D 172 -24.68 24.26 2.80
N ALA D 173 -23.83 24.79 3.65
CA ALA D 173 -24.23 25.38 4.96
C ALA D 173 -25.09 26.62 4.75
N MET D 174 -24.70 27.41 3.76
CA MET D 174 -25.42 28.60 3.39
C MET D 174 -26.81 28.33 2.93
N GLU D 175 -26.99 27.33 2.08
CA GLU D 175 -28.31 26.96 1.58
C GLU D 175 -29.17 26.38 2.67
N VAL D 176 -28.63 25.54 3.56
CA VAL D 176 -29.44 25.00 4.66
C VAL D 176 -29.89 26.12 5.56
N LEU D 177 -28.95 27.01 5.86
CA LEU D 177 -29.15 28.11 6.81
C LEU D 177 -30.28 29.03 6.33
N LYS D 178 -30.25 29.32 5.03
CA LYS D 178 -31.23 30.08 4.33
C LYS D 178 -32.57 29.37 4.28
N LYS D 179 -32.61 28.09 3.94
CA LYS D 179 -33.90 27.37 3.90
C LYS D 179 -34.59 27.47 5.24
N ILE D 180 -33.91 27.22 6.36
CA ILE D 180 -34.56 27.23 7.70
C ILE D 180 -34.74 28.63 8.36
N ASP D 181 -34.24 29.65 7.68
CA ASP D 181 -34.52 31.06 7.99
C ASP D 181 -34.15 31.50 9.42
N VAL D 182 -32.89 31.26 9.73
CA VAL D 182 -32.34 31.29 11.04
C VAL D 182 -31.37 32.52 11.20
N PHE D 183 -30.84 33.00 10.09
CA PHE D 183 -30.04 34.20 10.00
C PHE D 183 -30.93 35.17 9.25
N THR D 184 -30.66 36.47 9.36
CA THR D 184 -31.24 37.40 8.37
C THR D 184 -30.35 37.32 7.11
N LEU D 185 -30.82 37.95 6.02
CA LEU D 185 -30.28 37.71 4.68
C LEU D 185 -28.94 38.44 4.54
N ASP D 186 -28.83 39.61 5.16
CA ASP D 186 -27.55 40.37 5.42
C ASP D 186 -26.46 39.61 6.18
N ALA D 187 -26.84 39.03 7.29
CA ALA D 187 -25.94 38.24 8.04
C ALA D 187 -25.52 36.99 7.23
N LEU D 188 -26.42 36.34 6.49
CA LEU D 188 -26.04 35.15 5.72
C LEU D 188 -25.09 35.45 4.57
N HIS D 189 -25.33 36.54 3.88
CA HIS D 189 -24.41 37.01 2.81
C HIS D 189 -22.99 37.44 3.26
N SER D 190 -22.92 38.22 4.33
CA SER D 190 -21.66 38.63 4.89
C SER D 190 -20.89 37.45 5.54
N TRP D 191 -21.62 36.56 6.21
CA TRP D 191 -21.07 35.32 6.76
C TRP D 191 -20.47 34.47 5.60
N TYR D 192 -21.24 34.28 4.56
CA TYR D 192 -20.79 33.54 3.39
C TYR D 192 -19.58 34.20 2.80
N ASN D 193 -19.65 35.49 2.59
CA ASN D 193 -18.53 36.23 1.96
C ASN D 193 -17.26 36.29 2.76
N LEU D 194 -17.36 36.38 4.08
CA LEU D 194 -16.19 36.41 4.98
C LEU D 194 -15.45 35.07 4.88
N ASN D 195 -16.19 33.99 5.05
CA ASN D 195 -15.63 32.67 4.99
C ASN D 195 -15.04 32.34 3.61
N LYS D 196 -15.68 32.74 2.53
CA LYS D 196 -15.26 32.47 1.17
C LYS D 196 -14.03 33.31 0.75
N THR D 197 -14.10 34.58 1.08
CA THR D 197 -13.24 35.65 0.55
C THR D 197 -12.17 36.07 1.52
N HIS D 198 -12.41 35.86 2.81
CA HIS D 198 -11.61 36.37 3.96
C HIS D 198 -11.43 37.86 4.01
N LYS D 199 -12.25 38.62 3.31
CA LYS D 199 -12.06 40.08 3.27
C LYS D 199 -12.70 40.64 4.52
N PRO D 200 -12.02 41.53 5.20
CA PRO D 200 -12.45 41.96 6.50
C PRO D 200 -13.67 42.88 6.53
N GLU D 201 -14.04 43.49 5.41
CA GLU D 201 -15.23 44.32 5.36
C GLU D 201 -16.41 43.49 5.82
N TYR D 202 -16.34 42.18 5.56
CA TYR D 202 -17.43 41.24 5.79
C TYR D 202 -17.53 40.82 7.25
N PHE D 203 -16.43 40.93 7.97
CA PHE D 203 -16.45 40.68 9.39
C PHE D 203 -17.21 41.86 10.07
N PHE D 204 -16.90 43.08 9.67
CA PHE D 204 -17.62 44.28 10.20
C PHE D 204 -19.09 44.33 9.80
N GLN D 205 -19.40 43.92 8.58
CA GLN D 205 -20.76 43.68 8.16
C GLN D 205 -21.55 42.66 9.00
N LEU D 206 -20.93 41.51 9.19
CA LEU D 206 -21.51 40.40 9.92
C LEU D 206 -21.76 40.73 11.36
N MET D 207 -20.81 41.36 12.06
CA MET D 207 -20.97 41.80 13.46
C MET D 207 -22.13 42.79 13.65
N ASN D 208 -22.36 43.64 12.67
CA ASN D 208 -23.44 44.60 12.71
C ASN D 208 -24.78 44.16 12.11
N SER D 209 -24.83 42.98 11.48
CA SER D 209 -26.05 42.44 10.86
C SER D 209 -26.70 41.38 11.73
N ILE D 210 -25.90 40.76 12.61
CA ILE D 210 -26.41 39.65 13.42
C ILE D 210 -27.30 40.20 14.53
N ASN D 211 -28.28 39.37 14.93
CA ASN D 211 -29.05 39.65 16.16
C ASN D 211 -29.99 40.84 16.01
N LYS D 212 -30.65 40.90 14.85
CA LYS D 212 -31.44 42.05 14.35
C LYS D 212 -32.62 41.58 13.48
N THR E 5 6.99 -41.06 3.61
CA THR E 5 7.91 -40.31 4.56
C THR E 5 7.09 -39.91 5.85
N LYS E 6 7.04 -40.82 6.84
CA LYS E 6 5.92 -40.91 7.85
C LYS E 6 6.31 -40.81 9.35
N LYS E 7 7.58 -40.52 9.65
CA LYS E 7 8.09 -40.39 11.04
C LYS E 7 9.20 -39.31 11.10
N ALA E 8 9.18 -38.43 12.08
CA ALA E 8 10.28 -37.46 12.26
C ALA E 8 10.99 -37.70 13.59
N PHE E 9 12.30 -37.61 13.63
CA PHE E 9 13.02 -37.62 14.92
C PHE E 9 13.90 -36.41 15.11
N LEU E 10 14.02 -35.95 16.34
CA LEU E 10 14.93 -34.86 16.65
C LEU E 10 15.87 -35.31 17.77
N TYR E 11 17.15 -35.37 17.44
CA TYR E 11 18.18 -35.51 18.45
C TYR E 11 18.25 -34.34 19.46
N VAL E 12 18.05 -34.67 20.73
CA VAL E 12 18.22 -33.70 21.80
C VAL E 12 19.45 -34.04 22.65
N PHE E 13 20.09 -32.98 23.17
CA PHE E 13 21.35 -33.07 23.92
C PHE E 13 21.63 -31.70 24.54
N ASN E 14 22.39 -31.71 25.63
CA ASN E 14 22.73 -30.50 26.35
C ASN E 14 23.39 -29.51 25.37
N THR E 15 23.04 -28.25 25.54
CA THR E 15 23.53 -27.16 24.69
C THR E 15 23.01 -26.97 23.26
N MET E 16 22.13 -27.84 22.75
CA MET E 16 21.53 -27.68 21.41
C MET E 16 20.97 -26.27 21.20
N SER E 17 21.24 -25.71 20.02
CA SER E 17 20.97 -24.31 19.74
C SER E 17 19.53 -24.13 19.27
N ASP E 18 18.71 -23.57 20.19
CA ASP E 18 17.26 -23.42 20.04
C ASP E 18 16.71 -22.82 18.72
N TRP E 19 17.46 -21.90 18.15
CA TRP E 19 16.99 -21.16 16.95
C TRP E 19 17.15 -21.94 15.67
N GLU E 20 17.87 -23.04 15.75
CA GLU E 20 18.25 -23.75 14.56
C GLU E 20 17.18 -24.71 14.04
N TYR E 21 16.32 -25.18 14.97
CA TYR E 21 15.33 -26.22 14.67
C TYR E 21 13.90 -25.70 14.85
N GLY E 22 13.71 -24.60 15.57
CA GLY E 22 12.39 -24.18 16.00
C GLY E 22 11.38 -24.03 14.89
N TYR E 23 11.81 -23.52 13.72
CA TYR E 23 10.94 -23.38 12.54
C TYR E 23 10.49 -24.73 12.06
N LEU E 24 11.45 -25.60 11.83
CA LEU E 24 11.22 -26.95 11.30
C LEU E 24 10.27 -27.72 12.22
N ILE E 25 10.63 -27.88 13.47
CA ILE E 25 9.87 -28.74 14.36
C ILE E 25 8.45 -28.24 14.61
N ALA E 26 8.25 -26.93 14.70
CA ALA E 26 6.90 -26.36 14.86
C ALA E 26 5.94 -26.65 13.64
N GLU E 27 6.49 -26.55 12.44
CA GLU E 27 5.68 -26.74 11.20
C GLU E 27 5.39 -28.20 10.95
N LEU E 28 6.37 -29.06 11.15
CA LEU E 28 6.16 -30.48 11.06
C LEU E 28 5.17 -31.05 12.13
N ASN E 29 5.42 -30.76 13.40
CA ASN E 29 4.70 -31.38 14.46
C ASN E 29 3.29 -30.83 14.52
N SER E 30 3.13 -29.53 14.30
CA SER E 30 1.79 -28.93 14.18
C SER E 30 1.02 -29.41 12.94
N GLY E 31 1.76 -29.64 11.84
CA GLY E 31 1.17 -29.92 10.55
C GLY E 31 0.28 -28.82 9.99
N ARG E 32 0.43 -27.57 10.47
CA ARG E 32 -0.57 -26.50 10.21
C ARG E 32 -0.67 -26.01 8.75
N TYR E 33 0.46 -25.90 8.07
CA TYR E 33 0.51 -25.42 6.70
C TYR E 33 0.71 -26.55 5.70
N PHE E 34 0.42 -27.76 6.16
CA PHE E 34 0.50 -28.97 5.32
C PHE E 34 -0.58 -28.97 4.19
N LYS E 35 -0.28 -29.79 3.17
CA LYS E 35 -1.19 -30.09 2.06
C LYS E 35 -2.43 -30.92 2.52
N LYS E 36 -3.40 -31.08 1.62
CA LYS E 36 -4.84 -31.27 1.96
C LYS E 36 -5.29 -32.20 3.08
N ASP E 37 -4.87 -33.44 3.12
CA ASP E 37 -5.43 -34.31 4.18
C ASP E 37 -4.27 -34.99 4.90
N LEU E 38 -3.08 -34.47 4.72
CA LEU E 38 -1.87 -35.01 5.27
C LEU E 38 -1.85 -34.71 6.76
N ALA E 39 -1.73 -35.78 7.57
CA ALA E 39 -1.71 -35.65 9.02
C ALA E 39 -0.34 -35.08 9.44
N PRO E 40 -0.31 -34.31 10.54
CA PRO E 40 0.94 -33.78 11.13
C PRO E 40 2.07 -34.83 11.23
N LEU E 41 3.31 -34.39 11.12
CA LEU E 41 4.43 -35.31 11.16
C LEU E 41 5.03 -35.17 12.55
N LYS E 42 4.54 -35.94 13.53
CA LYS E 42 4.93 -35.71 14.92
C LYS E 42 6.46 -35.92 15.07
N VAL E 43 7.10 -34.98 15.74
CA VAL E 43 8.55 -34.96 15.93
C VAL E 43 8.83 -35.61 17.28
N ILE E 44 9.43 -36.79 17.25
CA ILE E 44 9.80 -37.50 18.48
C ILE E 44 11.22 -37.10 18.97
N THR E 45 11.33 -36.66 20.23
CA THR E 45 12.65 -36.25 20.70
C THR E 45 13.43 -37.52 21.12
N VAL E 46 14.65 -37.67 20.62
CA VAL E 46 15.54 -38.75 21.01
C VAL E 46 16.86 -38.25 21.67
N GLY E 47 17.15 -38.72 22.89
CA GLY E 47 18.41 -38.44 23.56
C GLY E 47 19.51 -39.50 23.36
N ALA E 48 20.70 -39.24 23.87
CA ALA E 48 21.73 -40.31 23.89
C ALA E 48 21.32 -41.39 24.89
N ASN E 49 20.64 -40.88 25.93
CA ASN E 49 20.00 -41.63 26.96
C ASN E 49 18.66 -40.94 27.27
N LYS E 50 17.98 -41.41 28.31
CA LYS E 50 16.72 -40.85 28.77
C LYS E 50 16.87 -39.66 29.71
N GLU E 51 18.11 -39.23 29.96
CA GLU E 51 18.31 -38.12 30.90
C GLU E 51 17.84 -36.83 30.21
N MET E 52 17.09 -36.04 30.97
CA MET E 52 16.75 -34.69 30.63
C MET E 52 17.95 -33.88 30.17
N ILE E 53 17.73 -32.91 29.29
CA ILE E 53 18.80 -32.08 28.79
C ILE E 53 18.45 -30.61 29.03
N THR E 54 19.40 -29.72 28.74
CA THR E 54 19.17 -28.27 28.76
C THR E 54 19.76 -27.56 27.51
N THR E 55 18.91 -27.19 26.61
CA THR E 55 19.28 -26.36 25.44
C THR E 55 20.18 -25.13 25.76
N MET E 56 20.80 -24.53 24.74
CA MET E 56 21.60 -23.27 24.92
C MET E 56 20.77 -22.16 25.59
N GLY E 57 19.47 -22.14 25.28
CA GLY E 57 18.53 -21.17 25.83
C GLY E 57 18.03 -21.42 27.22
N GLY E 58 18.38 -22.60 27.75
CA GLY E 58 18.16 -22.98 29.15
C GLY E 58 16.88 -23.74 29.41
N LEU E 59 16.33 -24.34 28.39
CA LEU E 59 15.09 -25.08 28.51
C LEU E 59 15.45 -26.49 28.98
N ARG E 60 14.76 -27.02 29.98
CA ARG E 60 14.94 -28.41 30.41
C ARG E 60 13.99 -29.34 29.68
N ILE E 61 14.54 -30.24 28.86
CA ILE E 61 13.75 -31.10 28.00
C ILE E 61 13.84 -32.56 28.35
N LYS E 62 12.68 -33.22 28.53
CA LYS E 62 12.66 -34.67 28.72
C LYS E 62 12.60 -35.39 27.37
N PRO E 63 13.63 -36.18 27.01
CA PRO E 63 13.49 -36.94 25.78
C PRO E 63 12.33 -37.95 25.76
N ASP E 64 11.72 -38.11 24.55
CA ASP E 64 10.63 -39.06 24.30
C ASP E 64 11.13 -40.48 24.39
N ILE E 65 12.23 -40.73 23.70
CA ILE E 65 12.90 -42.00 23.73
C ILE E 65 14.43 -41.81 23.78
N SER E 66 15.15 -42.89 24.10
CA SER E 66 16.59 -42.94 23.93
C SER E 66 16.97 -43.56 22.57
N LEU E 67 18.14 -43.19 22.06
CA LEU E 67 18.64 -43.69 20.78
C LEU E 67 18.50 -45.23 20.67
N ASP E 68 18.68 -45.85 21.82
CA ASP E 68 18.62 -47.29 21.96
C ASP E 68 17.30 -47.79 21.40
N GLU E 69 16.20 -47.30 21.98
CA GLU E 69 14.83 -47.72 21.62
C GLU E 69 14.26 -47.16 20.27
N CYS E 70 15.01 -46.31 19.60
CA CYS E 70 14.62 -45.67 18.34
C CYS E 70 15.12 -46.43 17.10
N THR E 71 14.26 -46.66 16.13
CA THR E 71 14.62 -47.20 14.81
C THR E 71 14.50 -46.14 13.68
N LEU E 72 15.44 -46.23 12.72
CA LEU E 72 15.48 -45.27 11.60
C LEU E 72 15.32 -46.04 10.28
N GLU E 73 14.27 -45.75 9.52
CA GLU E 73 13.93 -46.48 8.27
C GLU E 73 14.02 -45.58 7.06
N SER E 74 13.81 -46.19 5.89
CA SER E 74 13.79 -45.47 4.62
C SER E 74 12.70 -44.41 4.70
N LYS E 75 13.11 -43.17 4.42
CA LYS E 75 12.24 -41.99 4.37
C LYS E 75 11.69 -41.68 5.72
N ASP E 76 12.48 -41.86 6.78
CA ASP E 76 12.14 -41.15 8.03
C ASP E 76 13.04 -39.89 8.07
N LEU E 77 12.71 -38.94 8.93
CA LEU E 77 13.50 -37.70 9.07
C LEU E 77 14.22 -37.77 10.39
N LEU E 78 15.50 -37.43 10.37
CA LEU E 78 16.28 -37.25 11.58
C LEU E 78 16.95 -35.87 11.59
N ILE E 79 16.56 -35.05 12.57
CA ILE E 79 17.10 -33.71 12.70
C ILE E 79 18.19 -33.63 13.73
N LEU E 80 19.33 -33.16 13.26
CA LEU E 80 20.51 -32.96 14.06
C LEU E 80 20.84 -31.44 14.22
N PRO E 81 20.48 -30.83 15.37
CA PRO E 81 20.85 -29.43 15.61
C PRO E 81 22.34 -29.19 16.05
N GLY E 82 22.80 -27.95 15.91
CA GLY E 82 24.10 -27.61 16.39
C GLY E 82 24.09 -27.41 17.89
N GLY E 83 25.29 -27.19 18.39
CA GLY E 83 25.50 -26.89 19.81
C GLY E 83 27.00 -26.94 20.02
N THR E 84 27.43 -26.84 21.27
CA THR E 84 28.85 -26.75 21.62
C THR E 84 29.41 -28.10 22.19
N THR E 85 28.89 -29.21 21.68
CA THR E 85 29.11 -30.51 22.29
C THR E 85 29.34 -31.64 21.31
N TRP E 86 29.78 -31.35 20.11
CA TRP E 86 29.73 -32.35 19.05
C TRP E 86 30.96 -33.24 18.80
N SER E 87 31.90 -33.26 19.73
CA SER E 87 33.11 -34.07 19.62
C SER E 87 33.22 -35.06 20.78
N GLU E 88 32.51 -34.73 21.88
CA GLU E 88 32.53 -35.59 23.06
C GLU E 88 32.16 -37.02 22.70
N GLU E 89 32.29 -37.92 23.68
CA GLU E 89 31.97 -39.33 23.47
C GLU E 89 30.47 -39.53 23.30
N ILE E 90 29.70 -39.00 24.24
CA ILE E 90 28.21 -39.13 24.20
C ILE E 90 27.62 -39.13 22.74
N HIS E 91 28.09 -38.25 21.87
CA HIS E 91 27.58 -38.24 20.49
C HIS E 91 27.98 -39.40 19.56
N GLN E 92 28.89 -40.27 19.97
CA GLN E 92 29.46 -41.27 19.03
C GLN E 92 28.48 -42.34 18.51
N PRO E 93 27.70 -42.95 19.41
CA PRO E 93 26.66 -43.91 19.01
C PRO E 93 25.67 -43.36 17.99
N ILE E 94 25.25 -42.11 18.13
CA ILE E 94 24.31 -41.55 17.11
C ILE E 94 25.06 -41.24 15.82
N LEU E 95 26.27 -40.72 15.94
CA LEU E 95 27.09 -40.42 14.76
C LEU E 95 27.37 -41.69 13.96
N GLU E 96 27.46 -42.82 14.67
CA GLU E 96 27.45 -44.17 14.07
C GLU E 96 26.15 -44.54 13.34
N ARG E 97 25.06 -44.59 14.10
CA ARG E 97 23.72 -44.90 13.60
C ARG E 97 23.33 -44.08 12.39
N ILE E 98 23.87 -42.86 12.29
CA ILE E 98 23.60 -41.99 11.14
C ILE E 98 24.19 -42.59 9.87
N GLY E 99 25.42 -43.07 9.90
CA GLY E 99 26.03 -43.74 8.74
C GLY E 99 25.19 -44.85 8.09
N GLN E 100 24.55 -45.65 8.94
CA GLN E 100 23.71 -46.75 8.45
C GLN E 100 22.34 -46.24 8.13
N ALA E 101 21.88 -45.26 8.88
CA ALA E 101 20.69 -44.50 8.48
C ALA E 101 20.82 -43.99 7.01
N LEU E 102 21.89 -43.23 6.76
CA LEU E 102 22.17 -42.64 5.45
C LEU E 102 22.09 -43.63 4.27
N LYS E 103 22.41 -44.90 4.52
CA LYS E 103 22.50 -45.87 3.42
C LYS E 103 21.23 -46.73 3.27
N ILE E 104 20.23 -46.54 4.14
CA ILE E 104 18.86 -47.08 3.94
C ILE E 104 17.93 -45.97 3.40
N GLY E 105 18.42 -44.74 3.33
CA GLY E 105 17.61 -43.60 2.83
C GLY E 105 16.71 -42.95 3.85
N THR E 106 17.12 -42.99 5.11
CA THR E 106 16.51 -42.11 6.10
C THR E 106 17.07 -40.70 5.81
N ILE E 107 16.24 -39.68 6.01
CA ILE E 107 16.57 -38.32 5.59
C ILE E 107 17.26 -37.63 6.75
N VAL E 108 18.53 -37.21 6.57
CA VAL E 108 19.25 -36.57 7.67
C VAL E 108 19.51 -35.07 7.41
N ALA E 109 19.14 -34.23 8.37
CA ALA E 109 19.17 -32.82 8.23
C ALA E 109 20.03 -32.29 9.38
N ALA E 110 21.25 -31.86 9.08
CA ALA E 110 22.15 -31.37 10.10
C ALA E 110 22.47 -29.89 9.87
N ILE E 111 22.58 -29.16 10.98
CA ILE E 111 22.78 -27.73 10.92
C ILE E 111 23.92 -27.31 11.87
N CYS E 112 24.68 -26.30 11.45
CA CYS E 112 25.67 -25.62 12.28
C CYS E 112 26.71 -26.63 12.73
N GLY E 113 26.90 -26.81 14.02
CA GLY E 113 27.84 -27.81 14.48
C GLY E 113 27.47 -29.29 14.28
N ALA E 114 26.29 -29.59 13.71
CA ALA E 114 25.93 -31.00 13.48
C ALA E 114 26.73 -31.44 12.27
N THR E 115 26.80 -30.52 11.31
CA THR E 115 27.50 -30.61 10.03
C THR E 115 29.06 -30.99 10.11
N ASP E 116 29.73 -30.46 11.13
CA ASP E 116 31.13 -30.78 11.49
C ASP E 116 31.22 -32.13 12.20
N ALA E 117 30.15 -32.52 12.89
CA ALA E 117 30.08 -33.88 13.47
C ALA E 117 29.94 -34.92 12.36
N LEU E 118 29.22 -34.56 11.31
CA LEU E 118 29.16 -35.36 10.08
C LEU E 118 30.48 -35.29 9.29
N ALA E 119 31.15 -34.12 9.27
CA ALA E 119 32.46 -33.90 8.61
C ALA E 119 33.49 -35.04 8.74
N ASN E 120 33.98 -35.20 9.97
CA ASN E 120 35.01 -36.21 10.26
C ASN E 120 34.49 -37.46 10.98
N MET E 121 33.26 -37.83 10.64
CA MET E 121 32.85 -39.25 10.53
C MET E 121 32.95 -39.71 9.05
N GLY E 122 33.24 -38.75 8.15
CA GLY E 122 33.53 -38.97 6.74
C GLY E 122 32.30 -38.96 5.86
N TYR E 123 31.22 -38.40 6.39
CA TYR E 123 29.89 -38.49 5.76
C TYR E 123 29.70 -37.48 4.60
N LEU E 124 30.49 -36.41 4.65
CA LEU E 124 30.45 -35.34 3.62
C LEU E 124 31.81 -35.36 2.90
N ASP E 125 32.57 -36.45 3.07
CA ASP E 125 33.86 -36.64 2.33
C ASP E 125 33.63 -36.65 0.80
N THR E 126 32.40 -36.98 0.35
CA THR E 126 32.02 -36.97 -1.07
C THR E 126 30.55 -36.53 -1.34
N ARG E 127 29.97 -35.70 -0.47
CA ARG E 127 28.57 -35.25 -0.67
C ARG E 127 28.46 -33.71 -0.78
N LYS E 128 27.61 -33.22 -1.68
CA LYS E 128 27.22 -31.80 -1.68
C LYS E 128 26.71 -31.38 -0.29
N HIS E 129 27.32 -30.34 0.27
CA HIS E 129 27.11 -29.97 1.66
C HIS E 129 27.53 -28.52 1.93
N THR E 130 27.26 -28.00 3.14
CA THR E 130 27.76 -26.70 3.62
C THR E 130 28.07 -26.78 5.10
N SER E 131 28.45 -25.66 5.70
CA SER E 131 28.62 -25.56 7.16
C SER E 131 28.76 -24.10 7.46
N ASN E 132 29.02 -23.75 8.72
CA ASN E 132 29.22 -22.34 9.04
C ASN E 132 30.40 -21.73 8.29
N ASN E 133 31.54 -22.43 8.31
CA ASN E 133 32.79 -21.90 7.73
C ASN E 133 33.73 -23.05 7.28
N LEU E 134 34.12 -23.06 6.00
CA LEU E 134 34.99 -24.13 5.46
C LEU E 134 36.30 -24.26 6.20
N GLU E 135 36.90 -23.11 6.54
CA GLU E 135 38.21 -23.06 7.24
C GLU E 135 38.12 -23.50 8.73
N TYR E 136 36.95 -23.28 9.32
CA TYR E 136 36.66 -23.79 10.65
C TYR E 136 36.23 -25.26 10.63
N THR E 137 35.63 -25.74 9.53
CA THR E 137 35.40 -27.18 9.41
C THR E 137 36.77 -27.88 9.28
N LYS E 138 37.62 -27.44 8.33
CA LYS E 138 38.95 -28.06 8.16
C LYS E 138 39.88 -27.99 9.40
N MET E 139 39.87 -26.87 10.10
CA MET E 139 40.56 -26.70 11.41
C MET E 139 40.18 -27.76 12.47
N VAL E 140 38.86 -28.01 12.59
CA VAL E 140 38.23 -28.71 13.73
C VAL E 140 38.02 -30.23 13.47
N CYS E 141 38.09 -30.58 12.19
CA CYS E 141 37.80 -31.93 11.71
C CYS E 141 39.05 -32.52 11.05
N PRO E 142 39.97 -33.14 11.86
CA PRO E 142 41.12 -33.88 11.34
C PRO E 142 40.83 -34.87 10.20
N ASN E 143 39.72 -35.60 10.26
CA ASN E 143 39.45 -36.67 9.30
C ASN E 143 38.62 -36.19 8.15
N TYR E 144 38.53 -34.87 8.04
CA TYR E 144 37.70 -34.21 7.04
C TYR E 144 38.41 -34.11 5.68
N LYS E 145 37.83 -34.75 4.66
CA LYS E 145 38.41 -34.73 3.32
C LYS E 145 37.41 -34.13 2.30
N GLY E 146 36.27 -33.69 2.79
CA GLY E 146 35.13 -33.36 1.95
C GLY E 146 34.99 -31.94 1.43
N GLU E 147 36.12 -31.25 1.19
CA GLU E 147 36.09 -29.79 0.93
C GLU E 147 35.78 -29.35 -0.52
N LYS E 148 35.93 -30.26 -1.48
CA LYS E 148 35.71 -29.93 -2.88
C LYS E 148 34.25 -30.25 -3.31
N PHE E 149 33.42 -30.66 -2.36
CA PHE E 149 31.95 -30.62 -2.56
C PHE E 149 31.26 -29.47 -1.74
N TYR E 150 32.01 -28.89 -0.77
CA TYR E 150 31.58 -27.79 0.13
C TYR E 150 31.11 -26.55 -0.60
N GLU E 151 29.88 -26.12 -0.28
CA GLU E 151 29.30 -24.91 -0.85
C GLU E 151 29.15 -23.80 0.17
N LEU E 152 28.76 -22.62 -0.31
CA LEU E 152 28.49 -21.46 0.56
C LEU E 152 27.04 -21.52 1.10
N GLY E 153 26.17 -22.16 0.33
CA GLY E 153 24.91 -22.65 0.86
C GLY E 153 23.77 -21.66 0.69
N PRO E 154 23.19 -21.14 1.80
CA PRO E 154 23.50 -21.43 3.25
C PRO E 154 22.80 -22.71 3.79
N ALA E 155 21.95 -23.31 2.96
CA ALA E 155 21.42 -24.69 3.12
C ALA E 155 21.64 -25.40 1.82
N VAL E 156 21.98 -26.69 1.89
CA VAL E 156 22.31 -27.52 0.70
C VAL E 156 21.66 -28.92 0.74
N SER E 157 20.99 -29.33 -0.35
CA SER E 157 20.44 -30.69 -0.53
C SER E 157 21.27 -31.59 -1.50
N ASP E 158 21.45 -32.85 -1.12
CA ASP E 158 22.13 -33.87 -1.95
C ASP E 158 21.46 -35.15 -1.50
N ALA E 159 20.45 -35.62 -2.23
CA ALA E 159 19.82 -36.90 -1.89
C ALA E 159 19.05 -36.84 -0.55
N ASN E 160 19.43 -37.68 0.42
CA ASN E 160 18.74 -37.75 1.71
C ASN E 160 19.45 -36.92 2.75
N LEU E 161 20.47 -36.16 2.32
CA LEU E 161 21.25 -35.26 3.19
C LEU E 161 20.91 -33.73 3.01
N VAL E 162 20.54 -33.05 4.09
CA VAL E 162 20.34 -31.59 4.10
C VAL E 162 21.31 -30.99 5.13
N THR E 163 22.29 -30.23 4.66
CA THR E 163 23.19 -29.48 5.53
C THR E 163 22.83 -27.98 5.48
N ALA E 164 23.17 -27.23 6.53
CA ALA E 164 22.93 -25.77 6.54
C ALA E 164 23.70 -25.11 7.68
N SER E 165 23.96 -23.81 7.61
CA SER E 165 24.65 -23.13 8.73
C SER E 165 23.64 -22.69 9.75
N GLY E 166 24.14 -22.60 11.00
CA GLY E 166 23.37 -22.19 12.18
C GLY E 166 22.67 -20.86 12.04
N ILE E 167 23.28 -20.03 11.21
CA ILE E 167 22.76 -18.73 10.86
C ILE E 167 21.61 -18.78 9.87
N ALA E 168 21.32 -19.95 9.28
CA ALA E 168 20.28 -20.09 8.23
C ALA E 168 19.15 -21.16 8.48
N PRO E 169 18.43 -21.08 9.65
CA PRO E 169 17.39 -22.01 10.07
C PRO E 169 16.14 -21.98 9.25
N LEU E 170 15.96 -20.89 8.54
CA LEU E 170 14.73 -20.68 7.80
C LEU E 170 14.94 -21.43 6.51
N GLU E 171 16.06 -21.19 5.85
CA GLU E 171 16.50 -21.90 4.63
C GLU E 171 16.69 -23.41 4.82
N PHE E 172 17.38 -23.80 5.90
CA PHE E 172 17.35 -25.15 6.42
C PHE E 172 15.95 -25.75 6.57
N ALA E 173 15.06 -25.10 7.30
CA ALA E 173 13.70 -25.56 7.48
C ALA E 173 13.00 -25.76 6.13
N MET E 174 13.08 -24.73 5.29
CA MET E 174 12.50 -24.80 3.95
C MET E 174 13.07 -25.93 3.09
N GLU E 175 14.39 -26.11 3.08
CA GLU E 175 15.01 -27.29 2.41
C GLU E 175 14.45 -28.65 2.86
N VAL E 176 14.22 -28.83 4.17
CA VAL E 176 13.79 -30.13 4.67
C VAL E 176 12.34 -30.33 4.31
N LEU E 177 11.54 -29.29 4.51
CA LEU E 177 10.14 -29.36 4.16
C LEU E 177 9.99 -29.69 2.68
N LYS E 178 10.88 -29.10 1.81
CA LYS E 178 10.90 -29.42 0.36
C LYS E 178 11.11 -30.91 0.15
N LYS E 179 12.24 -31.43 0.70
CA LYS E 179 12.67 -32.83 0.52
C LYS E 179 11.55 -33.83 0.85
N ILE E 180 10.90 -33.66 2.00
CA ILE E 180 9.83 -34.61 2.41
C ILE E 180 8.47 -34.34 1.82
N ASP E 181 8.31 -33.22 1.09
CA ASP E 181 7.09 -32.88 0.36
C ASP E 181 5.82 -32.92 1.18
N VAL E 182 5.86 -32.14 2.22
CA VAL E 182 4.77 -32.07 3.15
C VAL E 182 3.82 -30.81 2.85
N PHE E 183 4.37 -29.74 2.28
CA PHE E 183 3.56 -28.58 1.80
C PHE E 183 3.33 -28.71 0.25
N THR E 184 2.31 -28.01 -0.28
CA THR E 184 2.31 -27.71 -1.71
C THR E 184 3.46 -26.72 -1.96
N LEU E 185 4.18 -26.88 -3.07
CA LEU E 185 5.35 -26.07 -3.36
C LEU E 185 5.01 -24.57 -3.39
N ASP E 186 3.80 -24.24 -3.83
CA ASP E 186 3.34 -22.89 -3.75
C ASP E 186 3.31 -22.36 -2.25
N ALA E 187 2.68 -23.11 -1.33
CA ALA E 187 2.65 -22.71 0.10
C ALA E 187 4.01 -22.63 0.73
N LEU E 188 4.93 -23.51 0.35
CA LEU E 188 6.26 -23.51 0.93
C LEU E 188 7.15 -22.30 0.56
N HIS E 189 7.17 -21.90 -0.72
CA HIS E 189 7.84 -20.66 -1.12
C HIS E 189 7.17 -19.40 -0.50
N SER E 190 5.84 -19.43 -0.30
CA SER E 190 5.12 -18.29 0.31
C SER E 190 5.47 -18.24 1.80
N TRP E 191 5.64 -19.43 2.33
CA TRP E 191 5.99 -19.56 3.77
C TRP E 191 7.39 -19.03 4.00
N TYR E 192 8.30 -19.41 3.14
CA TYR E 192 9.67 -18.87 3.19
C TYR E 192 9.69 -17.33 3.02
N ASN E 193 9.01 -16.84 1.97
CA ASN E 193 9.04 -15.41 1.63
C ASN E 193 8.42 -14.60 2.73
N LEU E 194 7.34 -15.07 3.32
CA LEU E 194 6.70 -14.38 4.45
C LEU E 194 7.65 -14.22 5.63
N ASN E 195 8.31 -15.31 6.03
CA ASN E 195 9.25 -15.31 7.17
C ASN E 195 10.58 -14.63 6.84
N LYS E 196 11.01 -14.70 5.60
CA LYS E 196 12.30 -14.10 5.19
C LYS E 196 12.17 -12.58 5.04
N THR E 197 11.03 -12.19 4.48
CA THR E 197 10.77 -10.88 3.90
C THR E 197 9.81 -10.03 4.76
N HIS E 198 8.80 -10.65 5.37
CA HIS E 198 7.69 -10.04 6.18
C HIS E 198 6.66 -9.31 5.34
N LYS E 199 6.82 -9.35 4.01
CA LYS E 199 5.90 -8.63 3.14
C LYS E 199 4.55 -9.36 3.10
N PRO E 200 3.44 -8.64 3.32
CA PRO E 200 2.12 -9.27 3.53
C PRO E 200 1.43 -10.00 2.39
N GLU E 201 1.86 -9.74 1.15
CA GLU E 201 1.42 -10.51 -0.01
C GLU E 201 1.60 -12.00 0.27
N TYR E 202 2.78 -12.34 0.82
CA TYR E 202 3.13 -13.71 1.15
C TYR E 202 2.20 -14.32 2.20
N PHE E 203 1.77 -13.53 3.17
CA PHE E 203 0.73 -13.93 4.10
C PHE E 203 -0.57 -14.28 3.43
N PHE E 204 -1.02 -13.39 2.53
CA PHE E 204 -2.28 -13.62 1.82
C PHE E 204 -2.19 -14.83 0.88
N GLN E 205 -1.10 -14.94 0.12
CA GLN E 205 -0.75 -16.22 -0.58
C GLN E 205 -0.83 -17.47 0.32
N LEU E 206 -0.03 -17.45 1.42
CA LEU E 206 0.10 -18.61 2.28
C LEU E 206 -1.27 -19.08 2.71
N MET E 207 -2.07 -18.13 3.18
CA MET E 207 -3.35 -18.44 3.81
C MET E 207 -4.38 -19.02 2.84
N ASN E 208 -4.23 -18.65 1.57
CA ASN E 208 -5.15 -19.05 0.52
C ASN E 208 -4.67 -20.30 -0.19
N SER E 209 -3.34 -20.57 -0.18
CA SER E 209 -2.77 -21.78 -0.76
C SER E 209 -2.66 -22.97 0.18
N ILE E 210 -3.18 -22.85 1.41
CA ILE E 210 -2.94 -23.84 2.49
C ILE E 210 -4.06 -24.91 2.62
N ASN E 211 -3.68 -26.18 2.86
CA ASN E 211 -4.61 -27.32 3.01
C ASN E 211 -5.28 -27.62 1.67
N LYS E 212 -4.42 -27.70 0.64
CA LYS E 212 -4.85 -27.82 -0.77
C LYS E 212 -3.91 -28.77 -1.52
N THR F 5 19.36 -4.54 35.11
CA THR F 5 18.45 -5.65 34.60
C THR F 5 19.00 -7.05 35.01
N LYS F 6 18.75 -7.47 36.26
CA LYS F 6 19.49 -8.65 36.79
C LYS F 6 18.79 -9.99 36.56
N LYS F 7 17.47 -9.98 36.44
CA LYS F 7 16.70 -11.23 36.26
C LYS F 7 15.97 -11.30 34.89
N ALA F 8 15.93 -12.52 34.32
CA ALA F 8 15.26 -12.83 33.05
C ALA F 8 14.37 -14.09 33.14
N PHE F 9 13.15 -13.97 32.59
CA PHE F 9 12.15 -15.05 32.60
C PHE F 9 11.44 -15.33 31.22
N LEU F 10 11.26 -16.62 30.95
CA LEU F 10 10.43 -17.15 29.89
C LEU F 10 9.18 -17.89 30.38
N TYR F 11 8.00 -17.30 30.12
CA TYR F 11 6.72 -18.00 30.33
C TYR F 11 6.55 -19.19 29.36
N VAL F 12 6.46 -20.39 29.93
CA VAL F 12 6.39 -21.63 29.17
C VAL F 12 5.00 -22.29 29.37
N PHE F 13 4.41 -22.73 28.25
CA PHE F 13 3.09 -23.33 28.21
C PHE F 13 2.87 -24.29 27.03
N ASN F 14 1.85 -25.13 27.17
CA ASN F 14 1.51 -26.01 26.04
C ASN F 14 1.27 -25.16 24.86
N THR F 15 1.91 -25.55 23.76
CA THR F 15 1.60 -25.00 22.48
C THR F 15 2.53 -23.83 22.04
N MET F 16 3.35 -23.30 22.97
CA MET F 16 4.32 -22.24 22.64
C MET F 16 5.21 -22.43 21.36
N SER F 17 5.34 -21.36 20.58
CA SER F 17 5.98 -21.40 19.29
C SER F 17 7.48 -21.33 19.31
N ASP F 18 8.14 -22.44 18.98
CA ASP F 18 9.60 -22.60 19.19
C ASP F 18 10.50 -21.61 18.50
N TRP F 19 10.16 -21.18 17.30
CA TRP F 19 11.02 -20.28 16.53
C TRP F 19 10.93 -18.81 17.05
N GLU F 20 9.96 -18.54 17.96
CA GLU F 20 9.68 -17.18 18.38
C GLU F 20 10.71 -16.62 19.34
N TYR F 21 11.25 -17.48 20.19
CA TYR F 21 12.11 -17.07 21.27
C TYR F 21 13.50 -17.68 21.22
N GLY F 22 13.74 -18.56 20.25
CA GLY F 22 14.97 -19.34 20.23
C GLY F 22 16.20 -18.49 20.25
N TYR F 23 16.21 -17.47 19.41
CA TYR F 23 17.38 -16.60 19.27
C TYR F 23 17.65 -15.87 20.56
N LEU F 24 16.60 -15.21 21.06
CA LEU F 24 16.67 -14.43 22.28
C LEU F 24 17.08 -15.26 23.48
N ILE F 25 16.39 -16.37 23.78
CA ILE F 25 16.77 -17.11 25.00
C ILE F 25 18.19 -17.69 24.87
N ALA F 26 18.56 -18.14 23.66
CA ALA F 26 19.91 -18.71 23.45
C ALA F 26 20.97 -17.66 23.68
N GLU F 27 20.70 -16.41 23.31
CA GLU F 27 21.73 -15.37 23.41
C GLU F 27 21.92 -14.92 24.82
N LEU F 28 20.81 -14.78 25.52
CA LEU F 28 20.81 -14.28 26.89
C LEU F 28 21.50 -15.24 27.85
N ASN F 29 21.06 -16.51 27.79
CA ASN F 29 21.45 -17.59 28.70
C ASN F 29 22.91 -17.98 28.50
N SER F 30 23.38 -18.10 27.26
CA SER F 30 24.85 -18.32 27.10
C SER F 30 25.73 -17.06 27.48
N GLY F 31 25.21 -15.86 27.29
CA GLY F 31 25.99 -14.65 27.46
C GLY F 31 27.07 -14.45 26.41
N ARG F 32 27.12 -15.26 25.36
CA ARG F 32 28.34 -15.39 24.52
C ARG F 32 28.89 -14.09 23.89
N TYR F 33 28.02 -13.15 23.57
CA TYR F 33 28.39 -11.94 22.89
C TYR F 33 28.07 -10.75 23.79
N PHE F 34 27.98 -10.99 25.10
CA PHE F 34 27.81 -9.90 26.06
C PHE F 34 29.03 -8.94 26.09
N LYS F 35 28.81 -7.69 26.44
CA LYS F 35 29.92 -6.78 26.52
C LYS F 35 30.92 -7.14 27.60
N LYS F 36 32.14 -6.65 27.44
CA LYS F 36 33.28 -6.89 28.34
C LYS F 36 33.07 -7.78 29.56
N ASP F 37 32.39 -7.26 30.57
CA ASP F 37 32.33 -7.98 31.83
C ASP F 37 30.96 -8.26 32.33
N LEU F 38 30.08 -8.68 31.44
CA LEU F 38 28.75 -9.00 31.82
C LEU F 38 28.65 -10.49 31.93
N ALA F 39 28.04 -10.91 33.00
CA ALA F 39 27.71 -12.34 33.15
C ALA F 39 26.41 -12.71 32.35
N PRO F 40 26.39 -13.92 31.71
CA PRO F 40 25.20 -14.46 31.05
C PRO F 40 23.90 -14.25 31.86
N LEU F 41 22.82 -13.87 31.19
CA LEU F 41 21.54 -13.70 31.87
C LEU F 41 20.81 -15.03 31.76
N LYS F 42 20.73 -15.73 32.88
CA LYS F 42 20.10 -17.03 32.93
C LYS F 42 18.63 -16.82 32.70
N VAL F 43 18.09 -17.57 31.75
CA VAL F 43 16.68 -17.54 31.48
C VAL F 43 16.01 -18.62 32.33
N ILE F 44 15.28 -18.15 33.35
CA ILE F 44 14.45 -18.99 34.20
C ILE F 44 13.10 -19.17 33.53
N THR F 45 12.71 -20.44 33.31
CA THR F 45 11.41 -20.74 32.77
C THR F 45 10.36 -20.77 33.86
N VAL F 46 9.31 -19.97 33.68
CA VAL F 46 8.20 -19.95 34.61
C VAL F 46 6.94 -20.41 33.90
N GLY F 47 6.48 -21.59 34.31
CA GLY F 47 5.15 -22.09 33.96
C GLY F 47 4.02 -21.41 34.70
N ALA F 48 2.80 -21.59 34.19
CA ALA F 48 1.59 -21.32 34.98
C ALA F 48 1.65 -22.18 36.25
N ASN F 49 1.44 -23.48 36.12
CA ASN F 49 1.67 -24.42 37.21
C ASN F 49 3.09 -25.03 37.10
N LYS F 50 3.34 -26.21 37.66
CA LYS F 50 4.65 -26.85 37.57
C LYS F 50 4.72 -28.05 36.64
N GLU F 51 3.58 -28.39 36.03
CA GLU F 51 3.51 -29.58 35.17
C GLU F 51 4.29 -29.37 33.87
N MET F 52 4.82 -30.46 33.32
CA MET F 52 5.43 -30.45 32.00
C MET F 52 4.51 -29.83 30.96
N ILE F 53 5.11 -29.15 29.99
CA ILE F 53 4.36 -28.58 28.88
C ILE F 53 4.95 -29.15 27.57
N THR F 54 4.23 -28.95 26.45
CA THR F 54 4.72 -29.38 25.14
C THR F 54 4.57 -28.26 24.11
N THR F 55 5.70 -27.74 23.64
CA THR F 55 5.77 -26.71 22.63
C THR F 55 5.09 -27.19 21.36
N MET F 56 4.67 -26.26 20.50
CA MET F 56 4.12 -26.56 19.15
C MET F 56 4.96 -27.61 18.40
N GLY F 57 6.28 -27.45 18.52
CA GLY F 57 7.24 -28.33 17.84
C GLY F 57 7.54 -29.68 18.48
N GLY F 58 7.07 -29.89 19.70
CA GLY F 58 6.98 -31.23 20.28
C GLY F 58 7.84 -31.46 21.51
N LEU F 59 8.46 -30.41 22.00
CA LEU F 59 9.46 -30.57 23.03
C LEU F 59 8.73 -30.55 24.36
N ARG F 60 9.07 -31.50 25.22
CA ARG F 60 8.48 -31.58 26.58
C ARG F 60 9.38 -30.83 27.56
N ILE F 61 8.87 -29.75 28.16
CA ILE F 61 9.71 -28.88 28.95
C ILE F 61 9.25 -28.90 30.39
N LYS F 62 10.18 -29.20 31.30
CA LYS F 62 9.99 -28.97 32.72
C LYS F 62 10.21 -27.52 33.03
N PRO F 63 9.18 -26.86 33.57
CA PRO F 63 9.35 -25.52 34.12
C PRO F 63 10.17 -25.51 35.37
N ASP F 64 11.02 -24.50 35.48
CA ASP F 64 11.93 -24.36 36.61
C ASP F 64 11.17 -23.92 37.87
N ILE F 65 10.27 -22.93 37.68
CA ILE F 65 9.46 -22.33 38.73
C ILE F 65 7.99 -22.19 38.24
N SER F 66 7.03 -22.04 39.17
CA SER F 66 5.68 -21.69 38.79
C SER F 66 5.51 -20.20 39.00
N LEU F 67 4.35 -19.68 38.63
CA LEU F 67 4.10 -18.25 38.70
C LEU F 67 4.03 -17.79 40.14
N ASP F 68 3.44 -18.64 41.00
CA ASP F 68 3.59 -18.50 42.47
C ASP F 68 4.99 -18.00 42.85
N GLU F 69 5.99 -18.84 42.52
CA GLU F 69 7.38 -18.68 42.96
C GLU F 69 8.13 -17.52 42.29
N CYS F 70 7.43 -16.78 41.43
CA CYS F 70 8.05 -15.84 40.52
C CYS F 70 7.89 -14.37 40.91
N THR F 71 8.98 -13.62 40.95
CA THR F 71 8.91 -12.20 41.32
C THR F 71 9.45 -11.28 40.23
N LEU F 72 8.62 -10.30 39.84
CA LEU F 72 8.95 -9.36 38.75
C LEU F 72 9.24 -8.00 39.33
N GLU F 73 10.43 -7.48 39.07
CA GLU F 73 10.83 -6.19 39.61
C GLU F 73 11.31 -5.26 38.51
N SER F 74 11.51 -3.99 38.85
CA SER F 74 12.10 -3.03 37.94
C SER F 74 13.20 -3.71 37.15
N LYS F 75 13.14 -3.55 35.82
CA LYS F 75 14.23 -3.90 34.91
C LYS F 75 14.50 -5.41 34.78
N ASP F 76 13.59 -6.25 35.28
CA ASP F 76 13.64 -7.69 35.02
C ASP F 76 13.02 -7.92 33.66
N LEU F 77 13.34 -9.05 33.02
CA LEU F 77 12.79 -9.40 31.71
C LEU F 77 11.78 -10.52 31.81
N LEU F 78 10.58 -10.30 31.28
CA LEU F 78 9.59 -11.34 31.03
C LEU F 78 9.32 -11.45 29.50
N ILE F 79 9.52 -12.66 28.98
CA ILE F 79 9.39 -12.98 27.58
C ILE F 79 8.11 -13.79 27.44
N LEU F 80 7.16 -13.27 26.65
CA LEU F 80 5.91 -13.95 26.39
C LEU F 80 5.84 -14.48 24.94
N PRO F 81 5.97 -15.80 24.77
CA PRO F 81 5.89 -16.37 23.41
C PRO F 81 4.47 -16.48 22.84
N GLY F 82 4.37 -16.96 21.60
CA GLY F 82 3.09 -17.13 20.96
C GLY F 82 2.67 -18.56 21.07
N GLY F 83 1.40 -18.82 20.89
CA GLY F 83 0.88 -20.16 20.74
C GLY F 83 -0.61 -20.07 20.44
N THR F 84 -1.28 -21.22 20.37
CA THR F 84 -2.69 -21.33 20.06
C THR F 84 -3.59 -21.37 21.30
N THR F 85 -3.18 -20.78 22.42
CA THR F 85 -3.84 -21.04 23.71
C THR F 85 -4.15 -19.84 24.57
N TRP F 86 -3.64 -18.68 24.22
CA TRP F 86 -3.81 -17.50 25.07
C TRP F 86 -5.29 -17.17 25.42
N SER F 87 -6.24 -17.83 24.73
CA SER F 87 -7.68 -17.75 25.06
C SER F 87 -8.12 -18.28 26.40
N GLU F 88 -7.28 -19.08 27.05
CA GLU F 88 -7.74 -20.03 28.05
C GLU F 88 -7.63 -19.61 29.49
N GLU F 89 -8.35 -20.38 30.29
CA GLU F 89 -8.43 -20.24 31.76
C GLU F 89 -7.08 -20.00 32.37
N ILE F 90 -6.17 -20.89 32.00
CA ILE F 90 -4.87 -21.07 32.66
C ILE F 90 -3.93 -19.84 32.56
N HIS F 91 -4.11 -19.01 31.53
CA HIS F 91 -3.25 -17.82 31.29
C HIS F 91 -3.68 -16.50 31.92
N GLN F 92 -4.82 -16.50 32.62
CA GLN F 92 -5.38 -15.24 33.17
C GLN F 92 -4.60 -14.73 34.41
N PRO F 93 -4.04 -15.64 35.22
CA PRO F 93 -3.09 -15.18 36.27
C PRO F 93 -1.81 -14.46 35.76
N ILE F 94 -1.06 -15.05 34.81
CA ILE F 94 0.07 -14.32 34.20
C ILE F 94 -0.37 -12.95 33.64
N LEU F 95 -1.48 -12.98 32.90
CA LEU F 95 -2.01 -11.79 32.22
C LEU F 95 -2.25 -10.59 33.20
N GLU F 96 -2.77 -10.85 34.40
CA GLU F 96 -2.84 -9.83 35.47
C GLU F 96 -1.51 -9.50 36.13
N ARG F 97 -0.58 -10.45 36.23
CA ARG F 97 0.77 -10.12 36.74
C ARG F 97 1.56 -9.08 35.91
N ILE F 98 1.35 -9.14 34.57
CA ILE F 98 2.00 -8.25 33.56
C ILE F 98 1.59 -6.77 33.66
N GLY F 99 0.31 -6.58 33.89
CA GLY F 99 -0.24 -5.29 34.31
C GLY F 99 0.47 -4.78 35.52
N GLN F 100 0.55 -5.58 36.58
CA GLN F 100 1.37 -5.17 37.76
C GLN F 100 2.87 -4.92 37.43
N ALA F 101 3.43 -5.70 36.52
CA ALA F 101 4.87 -5.63 36.21
C ALA F 101 5.23 -4.39 35.36
N LEU F 102 4.38 -4.03 34.39
CA LEU F 102 4.65 -2.86 33.50
C LEU F 102 4.75 -1.56 34.29
N LYS F 103 3.78 -1.39 35.18
CA LYS F 103 3.79 -0.39 36.27
C LYS F 103 5.14 -0.31 36.98
N ILE F 104 5.57 -1.44 37.53
CA ILE F 104 6.79 -1.50 38.34
C ILE F 104 8.07 -1.22 37.54
N GLY F 105 7.94 -1.22 36.21
CA GLY F 105 9.08 -0.98 35.32
C GLY F 105 9.79 -2.23 34.83
N THR F 106 9.20 -3.40 35.09
CA THR F 106 9.72 -4.62 34.46
C THR F 106 9.50 -4.60 32.90
N ILE F 107 10.54 -5.07 32.19
CA ILE F 107 10.54 -5.12 30.73
C ILE F 107 9.67 -6.30 30.29
N VAL F 108 8.61 -6.06 29.53
CA VAL F 108 7.81 -7.23 29.04
C VAL F 108 7.91 -7.39 27.54
N ALA F 109 8.49 -8.50 27.09
CA ALA F 109 8.65 -8.79 25.67
C ALA F 109 7.58 -9.78 25.23
N ALA F 110 6.58 -9.31 24.46
CA ALA F 110 5.53 -10.17 23.84
C ALA F 110 5.68 -10.33 22.31
N ILE F 111 5.49 -11.57 21.83
CA ILE F 111 5.59 -11.87 20.37
C ILE F 111 4.35 -12.64 19.94
N CYS F 112 3.84 -12.33 18.74
CA CYS F 112 2.79 -13.14 18.12
C CYS F 112 1.48 -13.23 18.95
N GLY F 113 0.95 -14.45 19.13
CA GLY F 113 -0.16 -14.70 20.06
C GLY F 113 -0.23 -13.92 21.38
N ALA F 114 0.93 -13.61 21.98
CA ALA F 114 1.02 -13.03 23.31
C ALA F 114 0.71 -11.57 23.23
N THR F 115 0.91 -11.04 22.03
CA THR F 115 0.69 -9.66 21.69
C THR F 115 -0.83 -9.32 21.71
N ASP F 116 -1.63 -10.25 21.21
CA ASP F 116 -3.09 -10.17 21.28
C ASP F 116 -3.63 -10.28 22.70
N ALA F 117 -3.06 -11.19 23.48
CA ALA F 117 -3.42 -11.36 24.88
C ALA F 117 -3.20 -10.08 25.73
N LEU F 118 -2.14 -9.34 25.41
CA LEU F 118 -1.95 -7.99 25.97
C LEU F 118 -2.99 -6.99 25.44
N ALA F 119 -3.29 -7.09 24.13
CA ALA F 119 -4.32 -6.29 23.46
C ALA F 119 -5.63 -6.27 24.25
N ASN F 120 -6.16 -7.46 24.49
CA ASN F 120 -7.40 -7.65 25.22
C ASN F 120 -7.42 -7.43 26.76
N MET F 121 -6.29 -7.11 27.37
CA MET F 121 -6.25 -6.60 28.76
C MET F 121 -6.23 -5.06 28.79
N GLY F 122 -6.20 -4.44 27.59
CA GLY F 122 -6.13 -2.99 27.41
C GLY F 122 -4.75 -2.40 27.57
N TYR F 123 -3.75 -3.29 27.57
CA TYR F 123 -2.39 -2.86 27.79
C TYR F 123 -1.83 -2.16 26.57
N LEU F 124 -2.43 -2.37 25.41
CA LEU F 124 -1.95 -1.75 24.17
C LEU F 124 -2.68 -0.47 23.85
N ASP F 125 -3.73 -0.16 24.63
CA ASP F 125 -4.68 0.93 24.29
C ASP F 125 -3.97 2.29 24.03
N THR F 126 -2.86 2.55 24.70
CA THR F 126 -2.28 3.89 24.69
C THR F 126 -0.75 3.95 24.52
N ARG F 127 -0.16 2.91 23.97
CA ARG F 127 1.27 2.94 23.56
C ARG F 127 1.52 2.25 22.23
N LYS F 128 2.60 2.65 21.57
CA LYS F 128 3.16 1.95 20.41
C LYS F 128 3.23 0.43 20.64
N HIS F 129 2.76 -0.29 19.64
CA HIS F 129 2.91 -1.71 19.56
C HIS F 129 2.68 -2.18 18.14
N THR F 130 2.92 -3.47 17.95
CA THR F 130 2.58 -4.18 16.76
C THR F 130 2.03 -5.55 17.19
N SER F 131 1.47 -6.29 16.24
CA SER F 131 1.07 -7.67 16.46
C SER F 131 1.28 -8.30 15.14
N ASN F 132 0.71 -9.47 14.90
CA ASN F 132 0.86 -10.12 13.57
C ASN F 132 0.00 -9.45 12.54
N ASN F 133 -1.26 -9.23 12.87
CA ASN F 133 -2.16 -8.57 11.93
C ASN F 133 -3.19 -7.67 12.65
N LEU F 134 -3.15 -6.37 12.34
CA LEU F 134 -4.09 -5.42 12.95
C LEU F 134 -5.59 -5.83 12.96
N GLU F 135 -6.10 -6.20 11.80
CA GLU F 135 -7.55 -6.45 11.71
C GLU F 135 -7.93 -7.70 12.52
N TYR F 136 -7.06 -8.72 12.38
CA TYR F 136 -7.16 -9.94 13.16
C TYR F 136 -7.22 -9.72 14.66
N THR F 137 -6.31 -8.90 15.17
CA THR F 137 -6.29 -8.48 16.58
C THR F 137 -7.61 -7.84 16.99
N LYS F 138 -8.11 -6.88 16.22
CA LYS F 138 -9.42 -6.24 16.49
C LYS F 138 -10.58 -7.26 16.51
N MET F 139 -10.54 -8.19 15.56
CA MET F 139 -11.52 -9.26 15.49
C MET F 139 -11.57 -10.11 16.79
N VAL F 140 -10.39 -10.52 17.25
CA VAL F 140 -10.21 -11.50 18.29
C VAL F 140 -10.22 -10.84 19.68
N CYS F 141 -10.08 -9.52 19.69
CA CYS F 141 -9.93 -8.74 20.92
C CYS F 141 -11.02 -7.68 21.04
N PRO F 142 -12.14 -8.04 21.69
CA PRO F 142 -13.16 -7.05 22.06
C PRO F 142 -12.57 -5.89 22.81
N ASN F 143 -11.87 -6.14 23.91
CA ASN F 143 -11.39 -5.05 24.80
C ASN F 143 -10.18 -4.31 24.27
N TYR F 144 -9.87 -4.44 22.99
CA TYR F 144 -8.73 -3.77 22.42
C TYR F 144 -9.08 -2.40 21.79
N LYS F 145 -8.51 -1.34 22.35
CA LYS F 145 -8.83 0.02 21.93
C LYS F 145 -7.61 0.73 21.35
N GLY F 146 -6.55 0.01 20.98
CA GLY F 146 -5.27 0.64 20.64
C GLY F 146 -4.89 0.81 19.19
N GLU F 147 -5.82 0.59 18.26
CA GLU F 147 -5.42 0.58 16.83
C GLU F 147 -4.77 1.87 16.31
N LYS F 148 -5.03 3.02 16.94
CA LYS F 148 -4.33 4.25 16.52
C LYS F 148 -2.87 4.21 17.00
N PHE F 149 -2.51 3.29 17.89
CA PHE F 149 -1.09 3.09 18.31
C PHE F 149 -0.33 2.01 17.57
N TYR F 150 -1.09 1.20 16.85
CA TYR F 150 -0.54 0.09 16.14
C TYR F 150 0.36 0.62 15.03
N GLU F 151 1.55 0.04 14.92
CA GLU F 151 2.45 0.25 13.76
C GLU F 151 2.86 -1.08 13.08
N LEU F 152 3.31 -0.95 11.83
CA LEU F 152 3.69 -2.12 11.00
C LEU F 152 4.85 -2.96 11.59
N GLY F 153 5.71 -2.34 12.41
CA GLY F 153 6.79 -3.06 13.07
C GLY F 153 7.84 -3.49 12.06
N PRO F 154 8.24 -4.78 12.06
CA PRO F 154 7.67 -5.97 12.65
C PRO F 154 8.01 -6.17 14.17
N ALA F 155 8.84 -5.28 14.74
CA ALA F 155 9.11 -5.27 16.15
C ALA F 155 9.05 -3.83 16.67
N VAL F 156 8.38 -3.58 17.79
CA VAL F 156 8.26 -2.20 18.36
C VAL F 156 8.70 -2.09 19.87
N SER F 157 9.59 -1.14 20.19
CA SER F 157 10.04 -0.85 21.55
C SER F 157 9.32 0.39 22.08
N ASP F 158 8.56 0.24 23.14
CA ASP F 158 7.90 1.38 23.69
C ASP F 158 8.16 1.44 25.18
N ALA F 159 9.09 2.29 25.60
CA ALA F 159 9.54 2.30 27.01
C ALA F 159 9.87 0.84 27.42
N ASN F 160 9.21 0.31 28.48
CA ASN F 160 9.46 -1.06 29.00
C ASN F 160 8.65 -2.21 28.30
N LEU F 161 8.15 -1.94 27.10
CA LEU F 161 7.41 -2.97 26.37
C LEU F 161 7.91 -3.09 24.95
N VAL F 162 8.17 -4.34 24.55
CA VAL F 162 8.55 -4.69 23.21
C VAL F 162 7.50 -5.64 22.71
N THR F 163 7.00 -5.36 21.51
CA THR F 163 6.07 -6.27 20.83
C THR F 163 6.55 -6.52 19.43
N ALA F 164 6.21 -7.69 18.90
CA ALA F 164 6.68 -8.12 17.58
C ALA F 164 5.64 -9.05 17.04
N SER F 165 5.57 -9.18 15.72
CA SER F 165 4.95 -10.34 15.10
C SER F 165 5.85 -11.60 15.10
N GLY F 166 5.18 -12.74 15.17
CA GLY F 166 5.78 -14.05 15.17
C GLY F 166 6.65 -14.42 13.99
N ILE F 167 6.47 -13.75 12.86
CA ILE F 167 7.38 -13.90 11.71
C ILE F 167 8.69 -13.12 11.81
N ALA F 168 8.84 -12.37 12.93
CA ALA F 168 10.03 -11.53 13.18
C ALA F 168 10.74 -11.81 14.52
N PRO F 169 11.20 -13.06 14.75
CA PRO F 169 11.99 -13.40 15.96
C PRO F 169 13.38 -12.75 16.00
N LEU F 170 13.94 -12.42 14.85
CA LEU F 170 15.22 -11.75 14.88
C LEU F 170 15.12 -10.32 15.37
N GLU F 171 14.15 -9.60 14.84
CA GLU F 171 13.90 -8.22 15.19
C GLU F 171 13.47 -8.05 16.62
N PHE F 172 12.54 -8.90 17.04
CA PHE F 172 12.12 -9.01 18.41
C PHE F 172 13.29 -9.22 19.31
N ALA F 173 14.05 -10.25 19.00
CA ALA F 173 15.21 -10.64 19.77
C ALA F 173 16.16 -9.44 19.91
N MET F 174 16.34 -8.67 18.84
CA MET F 174 17.22 -7.51 18.84
C MET F 174 16.70 -6.33 19.65
N GLU F 175 15.39 -6.13 19.65
CA GLU F 175 14.85 -4.97 20.33
C GLU F 175 15.03 -5.20 21.83
N VAL F 176 14.74 -6.41 22.27
CA VAL F 176 14.91 -6.77 23.69
C VAL F 176 16.38 -6.70 24.14
N LEU F 177 17.27 -7.26 23.36
CA LEU F 177 18.67 -7.18 23.66
C LEU F 177 19.06 -5.70 23.79
N LYS F 178 18.58 -4.85 22.88
CA LYS F 178 18.94 -3.43 22.94
C LYS F 178 18.40 -2.76 24.23
N LYS F 179 17.14 -3.03 24.54
CA LYS F 179 16.49 -2.43 25.67
C LYS F 179 17.27 -2.76 26.95
N ILE F 180 17.80 -3.99 27.07
CA ILE F 180 18.47 -4.44 28.30
C ILE F 180 19.99 -4.18 28.26
N ASP F 181 20.46 -3.72 27.09
CA ASP F 181 21.78 -3.09 26.93
C ASP F 181 22.89 -4.04 27.39
N VAL F 182 22.92 -5.20 26.75
CA VAL F 182 23.73 -6.34 27.22
C VAL F 182 24.89 -6.61 26.24
N PHE F 183 24.68 -6.14 25.01
CA PHE F 183 25.65 -6.12 23.94
C PHE F 183 26.13 -4.70 23.75
N THR F 184 27.30 -4.53 23.22
CA THR F 184 27.68 -3.23 22.80
C THR F 184 26.98 -2.96 21.49
N LEU F 185 26.65 -1.72 21.24
CA LEU F 185 25.87 -1.39 20.08
C LEU F 185 26.44 -2.01 18.83
N ASP F 186 27.74 -1.86 18.68
CA ASP F 186 28.53 -2.40 17.57
C ASP F 186 28.15 -3.82 17.32
N ALA F 187 28.24 -4.53 18.40
CA ALA F 187 28.09 -5.96 18.41
C ALA F 187 26.66 -6.42 18.05
N LEU F 188 25.66 -5.64 18.47
CA LEU F 188 24.25 -5.97 18.29
C LEU F 188 23.92 -5.83 16.84
N HIS F 189 24.34 -4.75 16.24
CA HIS F 189 24.10 -4.54 14.80
C HIS F 189 24.77 -5.61 13.92
N SER F 190 25.97 -5.99 14.29
CA SER F 190 26.70 -7.08 13.63
C SER F 190 25.96 -8.43 13.75
N TRP F 191 25.65 -8.82 15.00
CA TRP F 191 24.81 -9.95 15.31
C TRP F 191 23.57 -9.94 14.44
N TYR F 192 22.79 -8.87 14.56
CA TYR F 192 21.56 -8.80 13.83
C TYR F 192 21.79 -8.93 12.31
N ASN F 193 22.78 -8.16 11.84
CA ASN F 193 23.05 -8.13 10.39
C ASN F 193 23.53 -9.48 9.85
N LEU F 194 24.43 -10.13 10.58
CA LEU F 194 24.81 -11.50 10.26
C LEU F 194 23.58 -12.40 10.08
N ASN F 195 22.67 -12.39 11.03
CA ASN F 195 21.57 -13.38 11.04
C ASN F 195 20.52 -13.09 10.01
N LYS F 196 20.30 -11.81 9.77
CA LYS F 196 19.40 -11.32 8.68
C LYS F 196 19.98 -11.56 7.30
N THR F 197 21.29 -11.37 7.20
CA THR F 197 21.95 -11.15 5.97
C THR F 197 22.84 -12.33 5.48
N HIS F 198 23.48 -13.04 6.41
CA HIS F 198 24.39 -14.16 6.11
C HIS F 198 25.72 -13.68 5.46
N LYS F 199 25.97 -12.35 5.43
CA LYS F 199 27.24 -11.80 4.91
C LYS F 199 28.35 -11.86 5.94
N PRO F 200 29.49 -12.50 5.57
CA PRO F 200 30.72 -12.74 6.37
C PRO F 200 31.30 -11.54 7.14
N GLU F 201 31.25 -10.37 6.49
CA GLU F 201 31.61 -9.04 7.06
C GLU F 201 31.23 -8.87 8.52
N TYR F 202 29.93 -9.13 8.77
CA TYR F 202 29.25 -8.94 10.07
C TYR F 202 29.66 -9.95 11.10
N PHE F 203 29.96 -11.17 10.64
CA PHE F 203 30.59 -12.16 11.49
C PHE F 203 31.94 -11.64 12.03
N PHE F 204 32.76 -11.07 11.16
CA PHE F 204 34.09 -10.62 11.57
C PHE F 204 33.98 -9.35 12.40
N GLN F 205 33.15 -8.40 11.96
CA GLN F 205 32.76 -7.26 12.80
C GLN F 205 32.31 -7.73 14.19
N LEU F 206 31.36 -8.67 14.21
CA LEU F 206 30.90 -9.30 15.47
C LEU F 206 32.05 -9.88 16.34
N MET F 207 33.06 -10.52 15.76
CA MET F 207 34.17 -11.09 16.56
C MET F 207 35.15 -10.02 17.08
N ASN F 208 35.43 -9.00 16.25
CA ASN F 208 36.12 -7.75 16.71
C ASN F 208 35.38 -7.09 17.92
N SER F 209 34.04 -7.13 17.87
CA SER F 209 33.14 -6.33 18.73
C SER F 209 32.67 -6.96 20.05
N ILE F 210 32.86 -8.28 20.20
CA ILE F 210 32.67 -8.84 21.54
C ILE F 210 33.66 -8.02 22.37
N ASN F 211 34.96 -8.14 22.05
CA ASN F 211 36.03 -7.21 22.53
C ASN F 211 37.47 -7.68 22.26
S SO4 G . 7.41 -4.15 -47.22
O1 SO4 G . 7.62 -2.85 -47.86
O2 SO4 G . 7.93 -5.25 -48.02
O3 SO4 G . 8.21 -4.12 -46.06
O4 SO4 G . 6.01 -4.38 -46.91
#